data_6BXS
#
_entry.id   6BXS
#
_cell.length_a   79.890
_cell.length_b   49.670
_cell.length_c   114.750
_cell.angle_alpha   90.000
_cell.angle_beta   96.090
_cell.angle_gamma   90.000
#
_symmetry.space_group_name_H-M   'P 1 21 1'
#
loop_
_entity.id
_entity.type
_entity.pdbx_description
1 polymer 'mitochondrial association factor 1'
2 non-polymer 'SULFATE ION'
3 water water
#
_entity_poly.entity_id   1
_entity_poly.type   'polypeptide(L)'
_entity_poly.pdbx_seq_one_letter_code
;GSMGTPDPLTLRFTCLGDRNVIFFGPSGRQDGFTPLYDPSPSKRVATVDAGTYGLFIGGVGMNGEFADTIIEEARRNRIP
LTATELSAESQEIQERLLHDAERQPGTLVEIDSGRFSRVFARSFAYVAIVPNTVWDESETGKNVGATFLHILKPEVTPHG
NEMNDVMLYTVAPFGNASDSAYNMAYKATMLGIVGAVSEYNKTPWGEVKPVEAIRLPLLGAGHFRGRRGLHSIGRANAVA
VEAAITRFDPRVELQFMYEPSDTALRGLMESERKYKFPQGD
;
_entity_poly.pdbx_strand_id   A,B,C
#
# COMPACT_ATOMS: atom_id res chain seq x y z
N PRO A 6 4.77 -29.17 -14.86
CA PRO A 6 5.47 -28.01 -15.41
C PRO A 6 6.36 -28.37 -16.60
N ASP A 7 6.12 -27.74 -17.74
CA ASP A 7 6.89 -28.03 -18.95
C ASP A 7 8.32 -27.50 -18.83
N PRO A 8 9.32 -28.40 -18.85
CA PRO A 8 10.70 -27.90 -18.78
C PRO A 8 11.20 -27.38 -20.12
N LEU A 9 10.83 -26.14 -20.45
CA LEU A 9 11.31 -25.50 -21.68
C LEU A 9 12.81 -25.28 -21.59
N THR A 10 13.55 -25.87 -22.54
CA THR A 10 15.01 -25.79 -22.57
C THR A 10 15.47 -24.94 -23.75
N LEU A 11 16.30 -23.94 -23.46
CA LEU A 11 16.83 -23.03 -24.48
C LEU A 11 18.33 -22.85 -24.32
N ARG A 12 19.04 -22.84 -25.44
CA ARG A 12 20.49 -22.70 -25.43
C ARG A 12 20.89 -21.23 -25.52
N PHE A 13 21.91 -20.85 -24.75
CA PHE A 13 22.34 -19.46 -24.67
C PHE A 13 23.82 -19.33 -24.99
N THR A 14 24.12 -18.67 -26.11
CA THR A 14 25.51 -18.46 -26.51
C THR A 14 26.15 -17.40 -25.62
N CYS A 15 25.33 -16.56 -25.00
CA CYS A 15 25.85 -15.56 -24.06
C CYS A 15 26.26 -16.22 -22.75
N LEU A 16 25.90 -17.49 -22.59
CA LEU A 16 26.27 -18.26 -21.40
C LEU A 16 27.17 -19.44 -21.78
N GLY A 17 28.00 -19.25 -22.80
CA GLY A 17 28.90 -20.30 -23.24
C GLY A 17 28.18 -21.49 -23.83
N ASP A 18 27.07 -21.22 -24.52
CA ASP A 18 26.30 -22.25 -25.20
C ASP A 18 25.71 -23.28 -24.23
N ARG A 19 25.29 -22.81 -23.06
CA ARG A 19 24.65 -23.68 -22.07
C ARG A 19 23.14 -23.74 -22.29
N ASN A 20 22.56 -24.92 -22.03
CA ASN A 20 21.11 -25.05 -21.96
C ASN A 20 20.60 -24.60 -20.60
N VAL A 21 19.58 -23.74 -20.61
CA VAL A 21 18.90 -23.33 -19.39
C VAL A 21 17.45 -23.78 -19.46
N ILE A 22 16.95 -24.32 -18.36
CA ILE A 22 15.56 -24.75 -18.26
C ILE A 22 14.70 -23.64 -17.68
N PHE A 23 13.58 -23.38 -18.32
CA PHE A 23 12.58 -22.45 -17.81
C PHE A 23 11.24 -23.18 -17.68
N PHE A 24 10.94 -23.62 -16.46
CA PHE A 24 9.71 -24.38 -16.23
C PHE A 24 8.49 -23.54 -16.56
N GLY A 25 7.52 -24.17 -17.21
CA GLY A 25 6.26 -23.51 -17.54
C GLY A 25 5.33 -23.61 -16.36
N PRO A 26 4.08 -23.13 -16.52
CA PRO A 26 3.14 -23.12 -15.40
C PRO A 26 2.76 -24.52 -14.95
N SER A 27 2.76 -24.77 -13.64
CA SER A 27 2.28 -26.04 -13.11
C SER A 27 0.80 -25.92 -12.76
N GLY A 28 0.24 -26.97 -12.16
CA GLY A 28 -1.16 -26.97 -11.79
C GLY A 28 -1.46 -26.09 -10.59
N ARG A 29 -0.43 -25.73 -9.83
CA ARG A 29 -0.62 -25.00 -8.59
C ARG A 29 -0.90 -23.51 -8.85
N GLN A 30 -1.22 -22.78 -7.78
CA GLN A 30 -1.52 -21.35 -7.88
C GLN A 30 -0.34 -20.58 -8.44
N ASP A 31 -0.62 -19.69 -9.40
CA ASP A 31 0.41 -18.91 -10.08
C ASP A 31 1.47 -19.80 -10.75
N GLY A 32 1.10 -21.05 -11.02
CA GLY A 32 1.95 -21.97 -11.73
C GLY A 32 3.25 -22.27 -11.02
N PHE A 33 3.22 -22.23 -9.68
CA PHE A 33 4.40 -22.41 -8.85
C PHE A 33 5.10 -23.75 -9.12
N THR A 34 6.39 -23.70 -9.41
CA THR A 34 7.19 -24.89 -9.67
C THR A 34 7.47 -25.66 -8.38
N PRO A 35 7.36 -27.00 -8.41
CA PRO A 35 7.71 -27.76 -7.21
C PRO A 35 9.17 -27.56 -6.81
N LEU A 36 9.44 -27.49 -5.51
CA LEU A 36 10.80 -27.32 -5.02
C LEU A 36 11.68 -28.49 -5.45
N TYR A 37 11.14 -29.70 -5.30
CA TYR A 37 11.88 -30.91 -5.64
C TYR A 37 10.96 -31.93 -6.30
N ASP A 38 11.51 -32.68 -7.25
CA ASP A 38 10.74 -33.70 -7.95
C ASP A 38 10.81 -35.02 -7.18
N PRO A 39 9.72 -35.81 -7.20
CA PRO A 39 9.71 -37.07 -6.46
C PRO A 39 10.63 -38.14 -7.06
N SER A 40 10.93 -38.02 -8.35
CA SER A 40 11.77 -38.98 -9.05
C SER A 40 12.78 -38.27 -9.94
N PRO A 41 13.80 -37.64 -9.32
CA PRO A 41 14.82 -36.91 -10.07
C PRO A 41 15.85 -37.83 -10.69
N SER A 42 16.42 -37.43 -11.82
CA SER A 42 17.48 -38.19 -12.48
C SER A 42 18.85 -37.66 -12.07
N LYS A 43 18.87 -36.46 -11.50
CA LYS A 43 20.11 -35.84 -11.04
C LYS A 43 19.88 -35.06 -9.76
N ARG A 44 20.98 -34.64 -9.14
CA ARG A 44 20.92 -33.95 -7.85
C ARG A 44 20.71 -32.46 -8.04
N VAL A 45 19.46 -32.02 -7.88
CA VAL A 45 19.10 -30.62 -8.05
C VAL A 45 18.94 -29.95 -6.69
N ALA A 46 19.70 -28.87 -6.48
CA ALA A 46 19.60 -28.08 -5.25
C ALA A 46 18.77 -26.82 -5.53
N THR A 47 17.68 -26.66 -4.79
CA THR A 47 16.79 -25.52 -4.99
C THR A 47 17.17 -24.35 -4.08
N VAL A 48 17.14 -23.15 -4.65
CA VAL A 48 17.59 -21.96 -3.94
C VAL A 48 16.42 -21.23 -3.29
N ASP A 49 16.42 -21.20 -1.97
CA ASP A 49 15.39 -20.52 -1.20
C ASP A 49 15.54 -19.00 -1.32
N ALA A 50 14.45 -18.32 -1.71
CA ALA A 50 14.43 -16.87 -1.68
C ALA A 50 14.34 -16.42 -0.23
N GLY A 51 15.50 -16.22 0.39
CA GLY A 51 15.60 -16.03 1.82
C GLY A 51 15.18 -14.66 2.31
N THR A 52 15.03 -14.55 3.64
CA THR A 52 14.67 -13.31 4.29
C THR A 52 15.91 -12.62 4.85
N TYR A 53 15.81 -11.32 5.09
CA TYR A 53 16.92 -10.55 5.63
C TYR A 53 17.26 -10.99 7.06
N GLY A 54 16.31 -11.63 7.73
CA GLY A 54 16.53 -12.16 9.06
C GLY A 54 17.10 -13.57 9.06
N LEU A 55 17.20 -14.17 7.87
CA LEU A 55 17.89 -15.45 7.68
C LEU A 55 17.17 -16.68 8.29
N PHE A 56 15.85 -16.61 8.41
CA PHE A 56 15.09 -17.76 8.93
C PHE A 56 14.41 -18.52 7.79
N ILE A 57 14.20 -19.81 8.00
CA ILE A 57 13.40 -20.63 7.10
C ILE A 57 11.99 -20.76 7.66
N GLY A 58 11.03 -20.19 6.95
CA GLY A 58 9.64 -20.15 7.41
C GLY A 58 8.91 -19.02 6.72
N GLY A 59 7.83 -18.56 7.35
CA GLY A 59 7.10 -17.40 6.87
C GLY A 59 6.26 -17.65 5.64
N VAL A 60 6.36 -16.75 4.67
CA VAL A 60 5.50 -16.75 3.49
C VAL A 60 6.30 -16.86 2.19
N GLY A 61 5.59 -16.89 1.07
CA GLY A 61 6.23 -17.00 -0.23
C GLY A 61 6.94 -18.32 -0.37
N MET A 62 8.02 -18.32 -1.15
CA MET A 62 8.80 -19.53 -1.39
C MET A 62 9.44 -20.05 -0.11
N ASN A 63 9.92 -19.13 0.72
CA ASN A 63 10.53 -19.47 1.99
C ASN A 63 9.57 -20.30 2.84
N GLY A 64 8.31 -19.89 2.83
CA GLY A 64 7.27 -20.62 3.54
C GLY A 64 7.02 -21.99 2.96
N GLU A 65 7.14 -22.12 1.63
CA GLU A 65 6.96 -23.40 0.97
C GLU A 65 8.09 -24.35 1.33
N PHE A 66 9.29 -23.81 1.44
CA PHE A 66 10.46 -24.59 1.86
C PHE A 66 10.25 -25.14 3.27
N ALA A 67 9.80 -24.26 4.17
CA ALA A 67 9.55 -24.66 5.55
C ALA A 67 8.45 -25.72 5.63
N ASP A 68 7.35 -25.49 4.93
CA ASP A 68 6.24 -26.44 4.90
C ASP A 68 6.69 -27.80 4.40
N THR A 69 7.52 -27.80 3.37
CA THR A 69 8.04 -29.04 2.79
C THR A 69 8.93 -29.79 3.77
N ILE A 70 9.83 -29.06 4.43
CA ILE A 70 10.72 -29.65 5.42
C ILE A 70 9.95 -30.18 6.61
N ILE A 71 8.98 -29.40 7.08
CA ILE A 71 8.19 -29.79 8.25
C ILE A 71 7.31 -31.00 7.94
N GLU A 72 6.69 -31.01 6.77
CA GLU A 72 5.82 -32.12 6.38
C GLU A 72 6.60 -33.43 6.35
N GLU A 73 7.79 -33.39 5.75
CA GLU A 73 8.63 -34.57 5.64
C GLU A 73 9.12 -35.01 7.02
N ALA A 74 9.37 -34.05 7.90
CA ALA A 74 9.80 -34.34 9.27
C ALA A 74 8.70 -35.09 10.02
N ARG A 75 7.47 -34.60 9.90
CA ARG A 75 6.33 -35.24 10.56
C ARG A 75 6.08 -36.62 9.98
N ARG A 76 6.24 -36.73 8.67
CA ARG A 76 6.09 -38.00 7.96
C ARG A 76 7.04 -39.04 8.51
N ASN A 77 8.29 -38.64 8.74
CA ASN A 77 9.31 -39.52 9.29
C ASN A 77 9.28 -39.53 10.82
N ARG A 78 8.19 -39.00 11.37
CA ARG A 78 7.97 -38.98 12.82
C ARG A 78 9.08 -38.29 13.60
N ILE A 79 9.18 -36.98 13.41
CA ILE A 79 10.08 -36.14 14.20
C ILE A 79 9.30 -34.94 14.74
N PRO A 80 9.51 -34.59 16.02
CA PRO A 80 8.80 -33.41 16.52
C PRO A 80 9.48 -32.12 16.05
N LEU A 81 9.03 -31.61 14.90
CA LEU A 81 9.55 -30.37 14.34
C LEU A 81 8.40 -29.40 14.08
N THR A 82 8.46 -28.23 14.73
CA THR A 82 7.45 -27.21 14.56
C THR A 82 8.00 -26.05 13.75
N ALA A 83 7.11 -25.14 13.34
CA ALA A 83 7.51 -23.97 12.57
C ALA A 83 8.51 -23.11 13.33
N THR A 84 8.27 -22.95 14.63
CA THR A 84 9.14 -22.10 15.45
C THR A 84 10.52 -22.73 15.66
N GLU A 85 10.56 -24.05 15.77
CA GLU A 85 11.83 -24.76 15.90
C GLU A 85 12.70 -24.52 14.67
N LEU A 86 12.13 -24.79 13.50
CA LEU A 86 12.85 -24.65 12.24
C LEU A 86 13.26 -23.20 11.98
N SER A 87 12.35 -22.27 12.27
CA SER A 87 12.63 -20.85 12.10
C SER A 87 13.83 -20.42 12.94
N ALA A 88 13.79 -20.76 14.22
CA ALA A 88 14.84 -20.35 15.15
C ALA A 88 16.16 -21.05 14.85
N GLU A 89 16.11 -22.34 14.58
CA GLU A 89 17.34 -23.11 14.38
C GLU A 89 18.05 -22.69 13.09
N SER A 90 17.29 -22.63 12.00
CA SER A 90 17.83 -22.18 10.71
C SER A 90 18.43 -20.79 10.86
N GLN A 91 17.72 -19.94 11.57
CA GLN A 91 18.16 -18.58 11.83
C GLN A 91 19.48 -18.55 12.60
N GLU A 92 19.58 -19.35 13.66
CA GLU A 92 20.79 -19.42 14.47
C GLU A 92 22.00 -19.89 13.65
N ILE A 93 21.83 -21.00 12.94
CA ILE A 93 22.92 -21.57 12.14
C ILE A 93 23.41 -20.60 11.07
N GLN A 94 22.48 -19.97 10.38
CA GLN A 94 22.82 -19.13 9.23
C GLN A 94 23.37 -17.76 9.67
N GLU A 95 22.96 -17.27 10.83
CA GLU A 95 23.56 -16.07 11.39
C GLU A 95 25.03 -16.30 11.72
N ARG A 96 25.32 -17.41 12.38
CA ARG A 96 26.69 -17.76 12.76
C ARG A 96 27.59 -17.97 11.54
N LEU A 97 27.06 -18.67 10.54
CA LEU A 97 27.83 -18.99 9.34
C LEU A 97 28.16 -17.73 8.53
N LEU A 98 27.23 -16.79 8.47
CA LEU A 98 27.45 -15.55 7.73
C LEU A 98 28.58 -14.74 8.35
N HIS A 99 28.65 -14.74 9.68
CA HIS A 99 29.73 -14.06 10.40
C HIS A 99 31.07 -14.65 9.99
N ASP A 100 31.14 -15.98 9.93
CA ASP A 100 32.36 -16.66 9.48
C ASP A 100 32.66 -16.35 8.02
N ALA A 101 31.62 -16.36 7.19
CA ALA A 101 31.78 -16.11 5.75
C ALA A 101 32.32 -14.71 5.50
N GLU A 102 31.84 -13.74 6.28
CA GLU A 102 32.23 -12.35 6.12
C GLU A 102 33.69 -12.12 6.50
N ARG A 103 34.22 -12.96 7.39
CA ARG A 103 35.63 -12.91 7.76
C ARG A 103 36.52 -13.22 6.56
N GLN A 104 36.03 -14.10 5.70
CA GLN A 104 36.79 -14.60 4.55
C GLN A 104 35.93 -14.61 3.29
N PRO A 105 35.74 -13.43 2.68
CA PRO A 105 34.93 -13.35 1.46
C PRO A 105 35.49 -14.21 0.33
N GLY A 106 34.62 -14.91 -0.39
CA GLY A 106 35.03 -15.73 -1.51
C GLY A 106 35.47 -17.12 -1.11
N THR A 107 35.32 -17.45 0.18
CA THR A 107 35.68 -18.76 0.69
C THR A 107 34.45 -19.46 1.26
N LEU A 108 34.39 -20.78 1.09
CA LEU A 108 33.28 -21.57 1.62
C LEU A 108 33.57 -21.96 3.08
N VAL A 109 32.76 -21.42 4.00
CA VAL A 109 32.91 -21.76 5.41
C VAL A 109 31.90 -22.85 5.77
N GLU A 110 32.06 -23.44 6.95
CA GLU A 110 31.42 -24.71 7.23
C GLU A 110 31.29 -25.00 8.73
N ILE A 111 30.19 -25.65 9.09
CA ILE A 111 30.00 -26.19 10.44
C ILE A 111 29.19 -27.48 10.35
N ASP A 112 29.46 -28.40 11.28
CA ASP A 112 28.76 -29.68 11.30
C ASP A 112 27.46 -29.57 12.07
N SER A 113 26.44 -29.03 11.42
CA SER A 113 25.14 -28.81 12.07
C SER A 113 24.48 -30.12 12.47
N GLY A 114 24.84 -31.21 11.80
CA GLY A 114 24.25 -32.51 12.07
C GLY A 114 24.51 -33.04 13.46
N ARG A 115 25.51 -32.46 14.14
CA ARG A 115 25.86 -32.89 15.48
C ARG A 115 24.86 -32.40 16.53
N PHE A 116 24.12 -31.34 16.20
CA PHE A 116 23.16 -30.75 17.14
C PHE A 116 21.80 -30.45 16.52
N SER A 117 21.63 -30.78 15.24
CA SER A 117 20.37 -30.52 14.55
C SER A 117 19.67 -31.81 14.11
N ARG A 118 18.35 -31.74 14.00
CA ARG A 118 17.55 -32.85 13.47
C ARG A 118 17.18 -32.59 12.01
N VAL A 119 17.49 -31.40 11.53
CA VAL A 119 17.10 -30.97 10.20
C VAL A 119 18.29 -30.96 9.24
N PHE A 120 19.37 -30.31 9.67
CA PHE A 120 20.55 -30.12 8.83
C PHE A 120 21.69 -31.06 9.20
N ALA A 121 22.21 -31.77 8.21
CA ALA A 121 23.35 -32.67 8.40
C ALA A 121 24.65 -31.88 8.40
N ARG A 122 24.77 -30.93 7.49
CA ARG A 122 25.93 -30.06 7.40
C ARG A 122 25.54 -28.76 6.73
N SER A 123 26.18 -27.67 7.14
CA SER A 123 25.80 -26.34 6.68
C SER A 123 27.01 -25.53 6.22
N PHE A 124 26.83 -24.84 5.09
CA PHE A 124 27.90 -24.06 4.49
C PHE A 124 27.43 -22.64 4.25
N ALA A 125 28.38 -21.73 4.06
CA ALA A 125 28.07 -20.36 3.68
C ALA A 125 29.17 -19.77 2.81
N TYR A 126 28.82 -18.73 2.05
CA TYR A 126 29.73 -18.14 1.08
C TYR A 126 29.20 -16.76 0.70
N VAL A 127 30.09 -15.76 0.73
CA VAL A 127 29.76 -14.44 0.21
C VAL A 127 30.82 -13.98 -0.78
N ALA A 128 30.38 -13.47 -1.92
CA ALA A 128 31.29 -12.91 -2.92
C ALA A 128 31.80 -11.55 -2.44
N ILE A 129 30.91 -10.82 -1.77
CA ILE A 129 31.22 -9.50 -1.25
C ILE A 129 30.64 -9.35 0.16
N VAL A 130 31.43 -8.77 1.06
CA VAL A 130 30.92 -8.48 2.41
C VAL A 130 29.71 -7.57 2.29
N PRO A 131 28.54 -8.00 2.81
CA PRO A 131 27.35 -7.13 2.76
C PRO A 131 27.59 -5.77 3.41
N ASN A 132 26.90 -4.75 2.90
CA ASN A 132 26.96 -3.41 3.48
C ASN A 132 28.34 -2.76 3.40
N THR A 133 29.09 -3.05 2.33
CA THR A 133 30.37 -2.40 2.09
C THR A 133 30.35 -1.64 0.77
N VAL A 134 29.91 -2.34 -0.27
CA VAL A 134 29.86 -1.79 -1.62
C VAL A 134 28.47 -1.22 -1.89
N TRP A 135 27.49 -1.68 -1.10
CA TRP A 135 26.16 -1.08 -1.09
C TRP A 135 25.77 -0.77 0.35
N ASP A 136 24.71 0.01 0.53
CA ASP A 136 24.22 0.34 1.87
C ASP A 136 23.02 -0.54 2.22
N GLU A 137 23.12 -1.25 3.34
CA GLU A 137 22.06 -2.15 3.78
C GLU A 137 20.75 -1.41 4.05
N SER A 138 20.85 -0.10 4.21
CA SER A 138 19.67 0.72 4.50
C SER A 138 18.70 0.78 3.32
N GLU A 139 19.21 0.55 2.10
CA GLU A 139 18.37 0.60 0.91
C GLU A 139 18.16 -0.78 0.29
N THR A 140 19.09 -1.70 0.51
CA THR A 140 19.00 -3.03 -0.07
C THR A 140 18.40 -4.06 0.89
N GLY A 141 18.48 -3.77 2.18
CA GLY A 141 18.20 -4.74 3.21
C GLY A 141 19.50 -5.32 3.70
N LYS A 142 19.50 -5.95 4.88
CA LYS A 142 20.73 -6.45 5.47
C LYS A 142 20.97 -7.91 5.11
N ASN A 143 22.24 -8.32 5.13
CA ASN A 143 22.66 -9.68 4.80
C ASN A 143 22.42 -10.04 3.33
N VAL A 144 22.34 -9.02 2.48
CA VAL A 144 22.18 -9.25 1.05
C VAL A 144 23.45 -9.88 0.47
N GLY A 145 23.26 -10.84 -0.42
CA GLY A 145 24.37 -11.55 -1.03
C GLY A 145 24.80 -12.75 -0.20
N ALA A 146 24.30 -12.86 1.02
CA ALA A 146 24.59 -14.00 1.87
C ALA A 146 24.00 -15.25 1.27
N THR A 147 24.85 -16.26 1.07
CA THR A 147 24.43 -17.52 0.45
C THR A 147 24.81 -18.70 1.34
N PHE A 148 23.83 -19.57 1.59
CA PHE A 148 24.04 -20.74 2.41
C PHE A 148 23.71 -22.01 1.63
N LEU A 149 24.39 -23.10 1.96
CA LEU A 149 24.15 -24.40 1.37
C LEU A 149 24.03 -25.44 2.49
N HIS A 150 22.94 -26.20 2.49
CA HIS A 150 22.69 -27.18 3.55
C HIS A 150 22.50 -28.58 2.98
N ILE A 151 23.20 -29.53 3.58
CA ILE A 151 22.89 -30.95 3.36
C ILE A 151 21.85 -31.35 4.40
N LEU A 152 20.67 -31.70 3.93
CA LEU A 152 19.56 -32.06 4.81
C LEU A 152 19.69 -33.49 5.33
N LYS A 153 19.22 -33.73 6.54
CA LYS A 153 19.20 -35.08 7.08
C LYS A 153 18.16 -35.89 6.31
N PRO A 154 18.34 -37.23 6.28
CA PRO A 154 17.41 -38.08 5.52
C PRO A 154 15.96 -37.93 5.94
N GLU A 155 15.73 -37.58 7.21
CA GLU A 155 14.37 -37.54 7.75
C GLU A 155 13.62 -36.25 7.42
N VAL A 156 14.28 -35.33 6.70
CA VAL A 156 13.60 -34.13 6.20
C VAL A 156 13.85 -33.95 4.71
N THR A 157 14.43 -34.96 4.07
CA THR A 157 14.74 -34.90 2.66
C THR A 157 13.47 -35.03 1.82
N PRO A 158 13.15 -34.00 1.00
CA PRO A 158 11.91 -34.00 0.21
C PRO A 158 11.67 -35.28 -0.60
N HIS A 159 10.46 -35.83 -0.45
CA HIS A 159 10.05 -37.03 -1.17
C HIS A 159 10.91 -38.24 -0.81
N GLY A 160 11.65 -38.14 0.29
CA GLY A 160 12.48 -39.24 0.76
C GLY A 160 13.49 -39.74 -0.26
N ASN A 161 13.84 -38.88 -1.22
CA ASN A 161 14.81 -39.24 -2.26
C ASN A 161 16.19 -38.67 -1.95
N GLU A 162 17.18 -39.56 -1.88
CA GLU A 162 18.56 -39.18 -1.57
C GLU A 162 19.07 -38.00 -2.41
N MET A 163 18.55 -37.87 -3.63
CA MET A 163 19.04 -36.84 -4.55
C MET A 163 18.51 -35.45 -4.25
N ASN A 164 17.56 -35.35 -3.33
CA ASN A 164 16.92 -34.07 -3.01
C ASN A 164 17.40 -33.46 -1.69
N ASP A 165 18.55 -33.90 -1.20
CA ASP A 165 18.99 -33.55 0.15
C ASP A 165 19.98 -32.39 0.20
N VAL A 166 20.00 -31.57 -0.85
CA VAL A 166 20.76 -30.32 -0.83
C VAL A 166 19.85 -29.15 -1.16
N MET A 167 19.93 -28.11 -0.34
CA MET A 167 19.20 -26.87 -0.58
C MET A 167 20.15 -25.69 -0.45
N LEU A 168 19.78 -24.58 -1.08
CA LEU A 168 20.48 -23.33 -0.88
C LEU A 168 19.51 -22.28 -0.35
N TYR A 169 20.07 -21.23 0.23
CA TYR A 169 19.32 -20.13 0.83
C TYR A 169 20.09 -18.86 0.53
N THR A 170 19.42 -17.89 -0.07
CA THR A 170 20.09 -16.65 -0.46
C THR A 170 19.19 -15.44 -0.22
N VAL A 171 19.81 -14.28 -0.02
CA VAL A 171 19.10 -13.05 0.31
C VAL A 171 19.25 -12.03 -0.81
N ALA A 172 18.13 -11.73 -1.46
CA ALA A 172 18.13 -10.83 -2.61
C ALA A 172 17.98 -9.38 -2.18
N PRO A 173 18.48 -8.43 -2.99
CA PRO A 173 18.35 -7.01 -2.67
C PRO A 173 16.91 -6.51 -2.80
N PHE A 174 16.51 -5.60 -1.92
CA PHE A 174 15.17 -5.04 -1.97
C PHE A 174 15.05 -4.12 -3.19
N GLY A 175 13.88 -4.14 -3.82
CA GLY A 175 13.71 -3.48 -5.10
C GLY A 175 13.81 -1.97 -5.08
N ASN A 176 13.50 -1.35 -3.94
CA ASN A 176 13.52 0.11 -3.85
C ASN A 176 14.95 0.66 -3.79
N ALA A 177 15.93 -0.23 -3.65
CA ALA A 177 17.33 0.17 -3.79
C ALA A 177 17.53 0.78 -5.17
N SER A 178 18.40 1.78 -5.27
CA SER A 178 18.68 2.43 -6.54
C SER A 178 19.27 1.42 -7.52
N ASP A 179 19.10 1.68 -8.82
CA ASP A 179 19.53 0.75 -9.85
C ASP A 179 20.98 0.34 -9.70
N SER A 180 21.84 1.32 -9.44
CA SER A 180 23.27 1.07 -9.32
C SER A 180 23.57 0.10 -8.17
N ALA A 181 22.98 0.35 -7.01
CA ALA A 181 23.19 -0.51 -5.85
C ALA A 181 22.49 -1.86 -6.03
N TYR A 182 21.30 -1.81 -6.62
CA TYR A 182 20.50 -3.01 -6.84
C TYR A 182 21.20 -3.99 -7.76
N ASN A 183 21.63 -3.52 -8.93
CA ASN A 183 22.31 -4.36 -9.90
C ASN A 183 23.58 -4.96 -9.33
N MET A 184 24.34 -4.14 -8.61
CA MET A 184 25.59 -4.56 -7.99
C MET A 184 25.34 -5.65 -6.95
N ALA A 185 24.30 -5.49 -6.14
CA ALA A 185 23.95 -6.46 -5.11
C ALA A 185 23.43 -7.76 -5.74
N TYR A 186 22.68 -7.63 -6.83
CA TYR A 186 22.11 -8.78 -7.52
C TYR A 186 23.20 -9.66 -8.12
N LYS A 187 24.20 -9.04 -8.72
CA LYS A 187 25.33 -9.77 -9.28
C LYS A 187 26.13 -10.47 -8.18
N ALA A 188 26.35 -9.77 -7.09
CA ALA A 188 27.04 -10.32 -5.92
C ALA A 188 26.29 -11.54 -5.39
N THR A 189 24.96 -11.47 -5.42
CA THR A 189 24.12 -12.57 -4.95
C THR A 189 24.26 -13.79 -5.85
N MET A 190 24.21 -13.57 -7.16
CA MET A 190 24.33 -14.68 -8.11
C MET A 190 25.72 -15.30 -8.04
N LEU A 191 26.73 -14.47 -7.83
CA LEU A 191 28.10 -14.98 -7.62
C LEU A 191 28.16 -15.85 -6.38
N GLY A 192 27.38 -15.48 -5.35
CA GLY A 192 27.33 -16.26 -4.13
C GLY A 192 26.75 -17.65 -4.34
N ILE A 193 25.68 -17.71 -5.13
CA ILE A 193 25.03 -18.97 -5.44
C ILE A 193 25.94 -19.90 -6.24
N VAL A 194 26.46 -19.39 -7.36
CA VAL A 194 27.30 -20.19 -8.23
C VAL A 194 28.66 -20.46 -7.60
N GLY A 195 29.15 -19.49 -6.84
CA GLY A 195 30.42 -19.65 -6.14
C GLY A 195 30.34 -20.69 -5.04
N ALA A 196 29.22 -20.67 -4.30
CA ALA A 196 29.01 -21.63 -3.23
C ALA A 196 28.98 -23.05 -3.79
N VAL A 197 28.25 -23.24 -4.88
CA VAL A 197 28.17 -24.55 -5.53
C VAL A 197 29.54 -24.99 -6.03
N SER A 198 30.21 -24.10 -6.76
CA SER A 198 31.55 -24.37 -7.28
C SER A 198 32.49 -24.80 -6.18
N GLU A 199 32.53 -24.04 -5.10
CA GLU A 199 33.42 -24.31 -3.98
C GLU A 199 33.01 -25.59 -3.27
N TYR A 200 31.71 -25.80 -3.11
CA TYR A 200 31.20 -26.98 -2.41
C TYR A 200 31.51 -28.26 -3.18
N ASN A 201 31.36 -28.23 -4.50
CA ASN A 201 31.61 -29.43 -5.31
C ASN A 201 33.09 -29.83 -5.32
N LYS A 202 33.96 -28.92 -4.91
CA LYS A 202 35.39 -29.22 -4.83
C LYS A 202 35.76 -29.97 -3.55
N THR A 203 34.89 -29.89 -2.55
CA THR A 203 35.16 -30.51 -1.25
C THR A 203 34.91 -32.02 -1.33
N PRO A 204 35.32 -32.76 -0.29
CA PRO A 204 35.02 -34.20 -0.22
C PRO A 204 33.53 -34.48 -0.22
N TRP A 205 32.75 -33.54 0.31
CA TRP A 205 31.30 -33.63 0.28
C TRP A 205 30.83 -33.60 -1.16
N GLY A 206 31.57 -32.88 -2.00
CA GLY A 206 31.28 -32.79 -3.41
C GLY A 206 31.54 -34.09 -4.17
N GLU A 207 32.32 -34.98 -3.56
CA GLU A 207 32.58 -36.28 -4.18
C GLU A 207 31.40 -37.23 -3.99
N VAL A 208 30.68 -37.05 -2.88
CA VAL A 208 29.59 -37.95 -2.53
C VAL A 208 28.23 -37.37 -2.91
N LYS A 209 28.06 -36.08 -2.64
CA LYS A 209 26.78 -35.41 -2.85
C LYS A 209 26.95 -34.10 -3.60
N PRO A 210 27.36 -34.20 -4.87
CA PRO A 210 27.56 -33.02 -5.71
C PRO A 210 26.25 -32.33 -6.09
N VAL A 211 26.31 -31.03 -6.30
CA VAL A 211 25.18 -30.30 -6.87
C VAL A 211 25.32 -30.30 -8.37
N GLU A 212 24.42 -31.01 -9.05
CA GLU A 212 24.52 -31.19 -10.49
C GLU A 212 23.63 -30.19 -11.22
N ALA A 213 22.70 -29.60 -10.50
CA ALA A 213 21.86 -28.54 -11.03
C ALA A 213 21.34 -27.67 -9.90
N ILE A 214 21.03 -26.41 -10.22
CA ILE A 214 20.39 -25.52 -9.26
C ILE A 214 19.07 -24.99 -9.81
N ARG A 215 18.02 -25.09 -8.99
CA ARG A 215 16.69 -24.61 -9.35
C ARG A 215 16.45 -23.26 -8.69
N LEU A 216 16.33 -22.23 -9.51
CA LEU A 216 16.26 -20.85 -9.03
C LEU A 216 14.88 -20.22 -9.17
N PRO A 217 14.47 -19.42 -8.18
CA PRO A 217 13.33 -18.52 -8.41
C PRO A 217 13.82 -17.23 -9.06
N LEU A 218 12.91 -16.33 -9.42
CA LEU A 218 13.32 -14.99 -9.81
C LEU A 218 13.55 -14.18 -8.53
N LEU A 219 14.82 -14.08 -8.13
CA LEU A 219 15.18 -13.43 -6.89
C LEU A 219 14.79 -11.95 -6.90
N GLY A 220 14.37 -11.46 -5.74
CA GLY A 220 13.96 -10.07 -5.60
C GLY A 220 12.51 -9.83 -5.97
N ALA A 221 11.84 -10.88 -6.46
CA ALA A 221 10.43 -10.78 -6.83
C ALA A 221 9.54 -10.89 -5.61
N GLY A 222 8.23 -10.88 -5.83
CA GLY A 222 7.26 -11.05 -4.75
C GLY A 222 7.30 -9.93 -3.73
N HIS A 223 7.54 -10.29 -2.47
CA HIS A 223 7.52 -9.33 -1.38
C HIS A 223 8.74 -8.40 -1.40
N PHE A 224 9.82 -8.86 -2.03
CA PHE A 224 11.08 -8.12 -2.04
C PHE A 224 11.13 -7.08 -3.14
N ARG A 225 10.03 -6.95 -3.89
CA ARG A 225 9.98 -6.07 -5.06
C ARG A 225 9.88 -4.61 -4.71
N GLY A 226 9.04 -4.27 -3.73
CA GLY A 226 8.73 -2.89 -3.44
C GLY A 226 8.06 -2.23 -4.64
N ARG A 227 8.63 -1.12 -5.09
CA ARG A 227 8.10 -0.36 -6.23
C ARG A 227 8.74 -0.75 -7.56
N ARG A 228 9.76 -1.61 -7.50
CA ARG A 228 10.55 -1.91 -8.70
C ARG A 228 9.77 -2.71 -9.74
N GLY A 229 9.97 -2.36 -11.01
CA GLY A 229 9.34 -3.05 -12.11
C GLY A 229 9.99 -4.39 -12.37
N LEU A 230 9.19 -5.36 -12.80
CA LEU A 230 9.69 -6.73 -12.99
C LEU A 230 10.70 -6.80 -14.13
N HIS A 231 10.55 -5.93 -15.13
CA HIS A 231 11.47 -5.93 -16.26
C HIS A 231 12.90 -5.66 -15.80
N SER A 232 13.06 -4.66 -14.93
CA SER A 232 14.38 -4.30 -14.42
C SER A 232 15.00 -5.44 -13.63
N ILE A 233 14.15 -6.31 -13.08
CA ILE A 233 14.61 -7.43 -12.27
C ILE A 233 15.04 -8.60 -13.16
N GLY A 234 14.33 -8.79 -14.27
CA GLY A 234 14.71 -9.79 -15.25
C GLY A 234 16.06 -9.50 -15.85
N ARG A 235 16.30 -8.22 -16.14
CA ARG A 235 17.58 -7.78 -16.70
C ARG A 235 18.71 -7.91 -15.68
N ALA A 236 18.41 -7.56 -14.43
CA ALA A 236 19.38 -7.67 -13.34
C ALA A 236 19.80 -9.13 -13.15
N ASN A 237 18.81 -10.02 -13.20
CA ASN A 237 19.05 -11.44 -13.06
C ASN A 237 19.85 -12.00 -14.24
N ALA A 238 19.44 -11.62 -15.46
CA ALA A 238 20.11 -12.09 -16.66
C ALA A 238 21.58 -11.69 -16.67
N VAL A 239 21.85 -10.42 -16.40
CA VAL A 239 23.23 -9.93 -16.38
C VAL A 239 24.03 -10.56 -15.24
N ALA A 240 23.37 -10.80 -14.10
CA ALA A 240 24.04 -11.44 -12.97
C ALA A 240 24.41 -12.88 -13.31
N VAL A 241 23.53 -13.57 -14.02
CA VAL A 241 23.78 -14.94 -14.45
C VAL A 241 24.94 -15.00 -15.43
N GLU A 242 24.98 -14.06 -16.39
CA GLU A 242 26.06 -14.00 -17.37
C GLU A 242 27.42 -13.86 -16.69
N ALA A 243 27.49 -12.96 -15.71
CA ALA A 243 28.74 -12.69 -15.01
C ALA A 243 29.19 -13.89 -14.19
N ALA A 244 28.24 -14.57 -13.56
CA ALA A 244 28.53 -15.72 -12.72
C ALA A 244 29.04 -16.90 -13.56
N ILE A 245 28.40 -17.15 -14.69
CA ILE A 245 28.81 -18.23 -15.57
C ILE A 245 30.21 -17.95 -16.13
N THR A 246 30.45 -16.71 -16.52
CA THR A 246 31.77 -16.30 -17.00
C THR A 246 32.83 -16.48 -15.93
N ARG A 247 32.48 -16.16 -14.69
CA ARG A 247 33.42 -16.25 -13.59
C ARG A 247 33.84 -17.69 -13.29
N PHE A 248 32.86 -18.58 -13.12
CA PHE A 248 33.13 -19.92 -12.61
C PHE A 248 33.13 -21.01 -13.68
N ASP A 249 32.57 -20.70 -14.85
CA ASP A 249 32.49 -21.66 -15.96
C ASP A 249 32.01 -23.02 -15.47
N PRO A 250 30.84 -23.04 -14.81
CA PRO A 250 30.43 -24.24 -14.06
C PRO A 250 29.82 -25.35 -14.90
N ARG A 251 29.83 -26.56 -14.37
CA ARG A 251 29.17 -27.71 -14.98
C ARG A 251 27.71 -27.76 -14.54
N VAL A 252 27.40 -27.07 -13.44
CA VAL A 252 26.07 -27.11 -12.86
C VAL A 252 25.03 -26.59 -13.85
N GLU A 253 23.90 -27.30 -13.93
CA GLU A 253 22.81 -26.94 -14.83
C GLU A 253 21.89 -25.91 -14.16
N LEU A 254 21.50 -24.90 -14.92
CA LEU A 254 20.60 -23.85 -14.43
C LEU A 254 19.15 -24.15 -14.76
N GLN A 255 18.30 -24.09 -13.75
CA GLN A 255 16.86 -24.20 -13.92
C GLN A 255 16.18 -23.01 -13.26
N PHE A 256 15.19 -22.43 -13.93
CA PHE A 256 14.42 -21.33 -13.38
C PHE A 256 12.97 -21.72 -13.16
N MET A 257 12.49 -21.47 -11.95
CA MET A 257 11.11 -21.76 -11.58
C MET A 257 10.18 -20.79 -12.27
N TYR A 258 8.88 -21.07 -12.22
CA TYR A 258 7.90 -20.30 -12.98
C TYR A 258 7.23 -19.21 -12.15
N GLU A 259 7.05 -18.05 -12.77
CA GLU A 259 6.13 -17.03 -12.28
C GLU A 259 5.40 -16.44 -13.49
N PRO A 260 4.13 -16.06 -13.31
CA PRO A 260 3.23 -15.73 -14.43
C PRO A 260 3.77 -14.78 -15.51
N SER A 261 4.68 -13.86 -15.16
CA SER A 261 5.17 -12.89 -16.15
C SER A 261 6.37 -13.40 -16.95
N ASP A 262 6.85 -14.60 -16.62
CA ASP A 262 7.95 -15.24 -17.33
C ASP A 262 9.15 -14.30 -17.44
N THR A 263 9.37 -13.50 -16.41
CA THR A 263 10.36 -12.44 -16.43
C THR A 263 11.79 -12.97 -16.49
N ALA A 264 12.05 -14.09 -15.82
CA ALA A 264 13.39 -14.69 -15.85
C ALA A 264 13.77 -15.05 -17.28
N LEU A 265 12.85 -15.69 -17.99
CA LEU A 265 13.03 -16.05 -19.38
C LEU A 265 13.27 -14.82 -20.26
N ARG A 266 12.37 -13.84 -20.16
CA ARG A 266 12.45 -12.65 -21.00
C ARG A 266 13.73 -11.86 -20.81
N GLY A 267 14.21 -11.77 -19.57
CA GLY A 267 15.43 -11.05 -19.29
C GLY A 267 16.62 -11.67 -19.98
N LEU A 268 16.70 -13.00 -19.95
CA LEU A 268 17.81 -13.71 -20.56
C LEU A 268 17.68 -13.74 -22.08
N MET A 269 16.45 -13.83 -22.58
CA MET A 269 16.19 -13.71 -24.02
C MET A 269 16.76 -12.40 -24.54
N GLU A 270 16.58 -11.34 -23.76
CA GLU A 270 17.07 -10.02 -24.12
C GLU A 270 18.60 -9.97 -24.11
N SER A 271 19.20 -10.65 -23.13
CA SER A 271 20.65 -10.73 -23.04
C SER A 271 21.22 -11.49 -24.24
N GLU A 272 20.54 -12.56 -24.63
CA GLU A 272 20.95 -13.37 -25.77
C GLU A 272 20.89 -12.54 -27.05
N ARG A 273 19.80 -11.81 -27.21
CA ARG A 273 19.60 -10.94 -28.37
C ARG A 273 20.69 -9.88 -28.43
N LYS A 274 21.02 -9.32 -27.27
CA LYS A 274 22.03 -8.27 -27.18
C LYS A 274 23.42 -8.82 -27.48
N TYR A 275 23.66 -10.06 -27.08
CA TYR A 275 24.94 -10.72 -27.32
C TYR A 275 25.10 -11.08 -28.79
N LYS A 276 24.05 -11.64 -29.38
CA LYS A 276 24.10 -12.11 -30.76
C LYS A 276 24.04 -10.97 -31.78
N PHE A 277 23.76 -9.76 -31.31
CA PHE A 277 23.74 -8.59 -32.16
C PHE A 277 24.35 -7.38 -31.46
N MET B 3 -2.49 11.62 49.12
CA MET B 3 -1.92 11.49 47.79
C MET B 3 -0.79 10.45 47.78
N GLY B 4 0.46 10.90 47.91
CA GLY B 4 1.59 9.99 47.95
C GLY B 4 2.15 9.65 46.59
N THR B 5 1.45 10.07 45.54
CA THR B 5 1.87 9.84 44.16
C THR B 5 3.28 10.38 43.90
N PRO B 6 4.24 9.48 43.59
CA PRO B 6 5.60 9.96 43.32
C PRO B 6 5.69 10.86 42.09
N ASP B 7 6.65 11.78 42.08
CA ASP B 7 6.89 12.61 40.91
C ASP B 7 7.68 11.84 39.87
N PRO B 8 7.53 12.21 38.58
CA PRO B 8 8.27 11.52 37.52
C PRO B 8 9.79 11.64 37.66
N LEU B 9 10.49 10.52 37.54
CA LEU B 9 11.94 10.51 37.59
C LEU B 9 12.55 10.85 36.24
N THR B 10 13.40 11.88 36.23
CA THR B 10 14.14 12.27 35.03
C THR B 10 15.61 11.90 35.17
N LEU B 11 16.15 11.24 34.15
CA LEU B 11 17.54 10.82 34.16
C LEU B 11 18.21 11.06 32.83
N ARG B 12 19.49 11.44 32.88
CA ARG B 12 20.30 11.62 31.69
C ARG B 12 21.08 10.34 31.39
N PHE B 13 21.04 9.92 30.13
CA PHE B 13 21.68 8.68 29.70
C PHE B 13 22.81 8.93 28.71
N THR B 14 24.03 8.51 29.09
CA THR B 14 25.19 8.72 28.25
C THR B 14 25.19 7.75 27.07
N CYS B 15 24.50 6.62 27.24
CA CYS B 15 24.40 5.63 26.19
C CYS B 15 23.43 6.08 25.10
N LEU B 16 22.59 7.06 25.43
CA LEU B 16 21.67 7.65 24.46
C LEU B 16 22.20 9.02 24.03
N GLY B 17 23.51 9.19 24.11
CA GLY B 17 24.15 10.44 23.74
C GLY B 17 23.82 11.56 24.70
N ASP B 18 23.83 11.26 25.99
CA ASP B 18 23.56 12.25 27.04
C ASP B 18 22.21 12.93 26.81
N ARG B 19 21.15 12.12 26.80
CA ARG B 19 19.80 12.59 26.56
C ARG B 19 18.90 12.27 27.77
N ASN B 20 17.95 13.14 28.05
CA ASN B 20 17.07 12.97 29.21
C ASN B 20 15.87 12.07 28.92
N VAL B 21 15.70 11.06 29.77
CA VAL B 21 14.54 10.17 29.71
C VAL B 21 13.74 10.29 31.01
N ILE B 22 12.41 10.29 30.88
CA ILE B 22 11.52 10.37 32.03
C ILE B 22 10.88 9.02 32.31
N PHE B 23 10.76 8.70 33.59
CA PHE B 23 10.11 7.47 34.03
C PHE B 23 9.04 7.79 35.05
N PHE B 24 7.78 7.67 34.64
CA PHE B 24 6.67 7.95 35.52
C PHE B 24 6.55 6.88 36.60
N GLY B 25 6.28 7.32 37.83
CA GLY B 25 5.97 6.41 38.91
C GLY B 25 4.48 6.13 38.89
N PRO B 26 3.97 5.37 39.88
CA PRO B 26 2.53 5.10 39.91
C PRO B 26 1.73 6.37 40.08
N SER B 27 0.58 6.46 39.40
CA SER B 27 -0.27 7.63 39.50
C SER B 27 -1.17 7.54 40.72
N GLY B 28 -2.03 8.53 40.89
CA GLY B 28 -2.99 8.55 41.99
C GLY B 28 -4.16 7.61 41.74
N ARG B 29 -4.20 7.00 40.57
CA ARG B 29 -5.29 6.10 40.22
C ARG B 29 -5.00 4.69 40.73
N GLN B 30 -6.05 3.87 40.77
CA GLN B 30 -5.97 2.52 41.30
C GLN B 30 -4.84 1.70 40.69
N ASP B 31 -4.81 1.63 39.36
CA ASP B 31 -3.82 0.83 38.66
C ASP B 31 -2.48 1.55 38.55
N GLY B 32 -2.47 2.83 38.89
CA GLY B 32 -1.24 3.60 38.87
C GLY B 32 -0.81 4.04 37.49
N PHE B 33 -1.65 3.78 36.50
CA PHE B 33 -1.30 4.06 35.10
C PHE B 33 -1.14 5.56 34.84
N THR B 34 -0.16 5.88 33.99
CA THR B 34 0.14 7.25 33.61
C THR B 34 -0.94 7.80 32.68
N PRO B 35 -1.32 9.09 32.84
CA PRO B 35 -2.29 9.65 31.89
C PRO B 35 -1.73 9.70 30.47
N LEU B 36 -2.59 9.46 29.48
CA LEU B 36 -2.19 9.56 28.08
C LEU B 36 -1.69 10.97 27.77
N TYR B 37 -2.41 11.97 28.26
CA TYR B 37 -2.06 13.37 28.04
C TYR B 37 -2.32 14.19 29.30
N ASP B 38 -1.49 15.20 29.52
CA ASP B 38 -1.63 16.08 30.68
C ASP B 38 -2.58 17.23 30.37
N PRO B 39 -3.27 17.73 31.40
CA PRO B 39 -4.24 18.82 31.17
C PRO B 39 -3.58 20.19 30.97
N SER B 40 -2.35 20.36 31.43
CA SER B 40 -1.66 21.64 31.31
C SER B 40 -0.19 21.44 30.92
N PRO B 41 0.04 20.88 29.72
CA PRO B 41 1.39 20.58 29.25
C PRO B 41 2.17 21.81 28.83
N SER B 42 3.49 21.80 29.04
CA SER B 42 4.34 22.89 28.61
C SER B 42 4.88 22.65 27.20
N LYS B 43 4.50 21.51 26.62
CA LYS B 43 5.00 21.14 25.30
C LYS B 43 4.17 20.05 24.65
N ARG B 44 4.35 19.88 23.35
CA ARG B 44 3.59 18.92 22.56
C ARG B 44 4.16 17.51 22.70
N VAL B 45 3.40 16.65 23.39
CA VAL B 45 3.86 15.30 23.70
C VAL B 45 3.02 14.25 22.94
N ALA B 46 3.66 13.55 22.02
CA ALA B 46 3.00 12.50 21.26
C ALA B 46 2.99 11.20 22.05
N THR B 47 1.81 10.65 22.28
CA THR B 47 1.67 9.44 23.09
C THR B 47 1.46 8.21 22.20
N VAL B 48 2.19 7.15 22.52
CA VAL B 48 2.17 5.93 21.70
C VAL B 48 1.07 4.98 22.15
N ASP B 49 0.13 4.73 21.25
CA ASP B 49 -0.93 3.75 21.48
C ASP B 49 -0.40 2.35 21.17
N ALA B 50 -0.28 1.51 22.19
CA ALA B 50 0.11 0.13 21.99
C ALA B 50 -1.04 -0.60 21.30
N GLY B 51 -1.06 -0.51 19.97
CA GLY B 51 -2.21 -0.93 19.20
C GLY B 51 -2.33 -2.41 18.90
N THR B 52 -3.33 -2.75 18.09
CA THR B 52 -3.66 -4.14 17.77
C THR B 52 -3.27 -4.49 16.34
N TYR B 53 -3.16 -5.79 16.06
CA TYR B 53 -2.77 -6.27 14.73
C TYR B 53 -3.85 -5.95 13.69
N GLY B 54 -5.07 -5.67 14.14
CA GLY B 54 -6.14 -5.26 13.26
C GLY B 54 -6.10 -3.78 12.89
N LEU B 55 -5.28 -3.02 13.61
CA LEU B 55 -5.00 -1.62 13.30
C LEU B 55 -6.18 -0.68 13.58
N PHE B 56 -7.06 -1.07 14.50
CA PHE B 56 -8.17 -0.20 14.90
C PHE B 56 -7.89 0.45 16.25
N ILE B 57 -8.45 1.63 16.47
CA ILE B 57 -8.39 2.29 17.77
C ILE B 57 -9.66 1.96 18.56
N GLY B 58 -9.52 1.07 19.53
CA GLY B 58 -10.65 0.64 20.34
C GLY B 58 -10.27 -0.55 21.21
N GLY B 59 -11.26 -1.32 21.63
CA GLY B 59 -11.03 -2.48 22.46
C GLY B 59 -10.77 -2.10 23.90
N VAL B 60 -9.91 -2.88 24.57
CA VAL B 60 -9.55 -2.63 25.96
C VAL B 60 -8.07 -2.28 26.07
N GLY B 61 -7.54 -2.29 27.29
CA GLY B 61 -6.15 -1.97 27.52
C GLY B 61 -5.88 -0.51 27.21
N MET B 62 -4.66 -0.22 26.76
CA MET B 62 -4.28 1.15 26.43
C MET B 62 -5.05 1.64 25.21
N ASN B 63 -5.26 0.75 24.25
CA ASN B 63 -5.95 1.09 23.02
C ASN B 63 -7.38 1.54 23.30
N GLY B 64 -8.02 0.88 24.26
CA GLY B 64 -9.37 1.24 24.68
C GLY B 64 -9.39 2.59 25.36
N GLU B 65 -8.40 2.84 26.21
CA GLU B 65 -8.26 4.12 26.91
C GLU B 65 -8.09 5.26 25.91
N PHE B 66 -7.37 4.99 24.83
CA PHE B 66 -7.16 5.98 23.78
C PHE B 66 -8.49 6.35 23.12
N ALA B 67 -9.27 5.33 22.78
CA ALA B 67 -10.56 5.53 22.15
C ALA B 67 -11.50 6.31 23.05
N ASP B 68 -11.54 5.94 24.33
CA ASP B 68 -12.42 6.59 25.29
C ASP B 68 -12.09 8.08 25.43
N THR B 69 -10.80 8.40 25.47
CA THR B 69 -10.36 9.78 25.62
C THR B 69 -10.78 10.62 24.40
N ILE B 70 -10.65 10.04 23.21
CA ILE B 70 -11.01 10.74 21.99
C ILE B 70 -12.52 10.91 21.89
N ILE B 71 -13.25 9.83 22.19
CA ILE B 71 -14.70 9.86 22.18
C ILE B 71 -15.26 10.86 23.19
N GLU B 72 -14.70 10.86 24.40
CA GLU B 72 -15.19 11.76 25.45
C GLU B 72 -15.07 13.22 25.04
N GLU B 73 -13.93 13.59 24.45
CA GLU B 73 -13.70 14.98 24.05
C GLU B 73 -14.58 15.36 22.87
N ALA B 74 -14.72 14.44 21.92
CA ALA B 74 -15.57 14.66 20.75
C ALA B 74 -17.00 14.98 21.18
N ARG B 75 -17.56 14.14 22.03
CA ARG B 75 -18.90 14.34 22.57
C ARG B 75 -18.99 15.67 23.31
N ARG B 76 -17.97 15.96 24.11
CA ARG B 76 -17.90 17.20 24.86
C ARG B 76 -18.01 18.41 23.94
N ASN B 77 -17.51 18.23 22.72
CA ASN B 77 -17.55 19.27 21.68
C ASN B 77 -18.66 19.01 20.66
N ARG B 78 -19.67 18.23 21.07
CA ARG B 78 -20.86 17.98 20.25
C ARG B 78 -20.60 17.27 18.92
N ILE B 79 -19.72 16.27 18.93
CA ILE B 79 -19.53 15.42 17.77
C ILE B 79 -20.07 14.02 18.08
N PRO B 80 -21.10 13.56 17.34
CA PRO B 80 -21.71 12.26 17.64
C PRO B 80 -20.80 11.05 17.33
N LEU B 81 -19.58 11.10 17.84
CA LEU B 81 -18.60 10.04 17.62
C LEU B 81 -18.86 8.86 18.55
N THR B 82 -18.99 7.67 17.97
CA THR B 82 -19.17 6.44 18.76
C THR B 82 -17.97 5.53 18.54
N ALA B 83 -17.90 4.47 19.35
CA ALA B 83 -16.77 3.55 19.32
C ALA B 83 -16.61 2.87 17.97
N THR B 84 -17.72 2.46 17.37
CA THR B 84 -17.66 1.70 16.14
C THR B 84 -17.23 2.56 14.95
N GLU B 85 -17.53 3.86 14.98
CA GLU B 85 -17.10 4.76 13.92
C GLU B 85 -15.59 4.96 14.02
N LEU B 86 -15.12 5.23 15.24
CA LEU B 86 -13.71 5.47 15.49
C LEU B 86 -12.88 4.25 15.11
N SER B 87 -13.35 3.08 15.49
CA SER B 87 -12.66 1.83 15.19
C SER B 87 -12.62 1.58 13.69
N ALA B 88 -13.76 1.70 13.04
CA ALA B 88 -13.86 1.43 11.60
C ALA B 88 -13.07 2.45 10.79
N GLU B 89 -13.15 3.71 11.18
CA GLU B 89 -12.46 4.78 10.46
C GLU B 89 -10.95 4.71 10.65
N SER B 90 -10.52 4.53 11.90
CA SER B 90 -9.10 4.42 12.20
C SER B 90 -8.49 3.21 11.49
N GLN B 91 -9.26 2.13 11.41
CA GLN B 91 -8.80 0.90 10.78
C GLN B 91 -8.55 1.10 9.29
N GLU B 92 -9.53 1.68 8.61
CA GLU B 92 -9.44 1.91 7.17
C GLU B 92 -8.30 2.86 6.84
N ILE B 93 -8.13 3.90 7.65
CA ILE B 93 -7.06 4.87 7.43
C ILE B 93 -5.68 4.24 7.58
N GLN B 94 -5.50 3.46 8.64
CA GLN B 94 -4.19 2.90 8.95
C GLN B 94 -3.86 1.71 8.04
N GLU B 95 -4.89 0.97 7.62
CA GLU B 95 -4.70 -0.10 6.64
C GLU B 95 -4.16 0.46 5.33
N ARG B 96 -4.75 1.56 4.88
CA ARG B 96 -4.31 2.21 3.64
C ARG B 96 -2.90 2.77 3.78
N LEU B 97 -2.62 3.43 4.90
CA LEU B 97 -1.32 4.03 5.12
C LEU B 97 -0.23 2.99 5.25
N LEU B 98 -0.57 1.84 5.83
CA LEU B 98 0.40 0.75 5.96
C LEU B 98 0.78 0.21 4.59
N HIS B 99 -0.21 0.07 3.72
CA HIS B 99 0.01 -0.36 2.34
C HIS B 99 0.98 0.57 1.63
N ASP B 100 0.76 1.88 1.80
CA ASP B 100 1.62 2.88 1.19
C ASP B 100 3.02 2.85 1.81
N ALA B 101 3.09 2.69 3.12
CA ALA B 101 4.34 2.71 3.84
C ALA B 101 5.22 1.51 3.49
N GLU B 102 4.60 0.34 3.31
CA GLU B 102 5.34 -0.88 3.03
C GLU B 102 5.91 -0.91 1.61
N ARG B 103 5.23 -0.22 0.69
CA ARG B 103 5.76 -0.08 -0.67
C ARG B 103 6.91 0.93 -0.69
N GLN B 104 7.10 1.62 0.42
CA GLN B 104 8.12 2.66 0.52
C GLN B 104 8.74 2.70 1.92
N PRO B 105 9.38 1.59 2.33
CA PRO B 105 9.96 1.52 3.68
C PRO B 105 11.00 2.62 3.92
N GLY B 106 11.02 3.19 5.12
CA GLY B 106 11.97 4.21 5.47
C GLY B 106 11.59 5.59 4.99
N THR B 107 10.33 5.76 4.60
CA THR B 107 9.80 7.06 4.18
C THR B 107 8.47 7.33 4.86
N LEU B 108 8.24 8.59 5.21
CA LEU B 108 6.98 9.01 5.82
C LEU B 108 5.91 9.21 4.75
N VAL B 109 4.92 8.34 4.74
CA VAL B 109 3.78 8.46 3.84
C VAL B 109 2.63 9.13 4.57
N GLU B 110 1.64 9.61 3.84
CA GLU B 110 0.54 10.33 4.48
C GLU B 110 -0.70 10.49 3.61
N ILE B 111 -1.79 10.86 4.28
CA ILE B 111 -3.09 11.08 3.65
C ILE B 111 -3.80 12.22 4.37
N ASP B 112 -4.53 13.05 3.63
CA ASP B 112 -5.24 14.18 4.24
C ASP B 112 -6.56 13.71 4.84
N SER B 113 -6.46 13.07 6.00
CA SER B 113 -7.63 12.52 6.68
C SER B 113 -8.63 13.61 7.06
N GLY B 114 -8.12 14.82 7.28
CA GLY B 114 -8.95 15.95 7.67
C GLY B 114 -10.10 16.24 6.72
N ARG B 115 -9.94 15.85 5.46
CA ARG B 115 -10.98 16.12 4.45
C ARG B 115 -12.24 15.30 4.67
N PHE B 116 -12.10 14.12 5.28
CA PHE B 116 -13.23 13.20 5.46
C PHE B 116 -13.43 12.72 6.90
N SER B 117 -12.54 13.12 7.80
CA SER B 117 -12.59 12.67 9.19
C SER B 117 -12.95 13.80 10.15
N ARG B 118 -13.74 13.48 11.16
CA ARG B 118 -14.03 14.41 12.24
C ARG B 118 -12.98 14.29 13.34
N VAL B 119 -12.18 13.23 13.28
CA VAL B 119 -11.22 12.92 14.34
C VAL B 119 -9.81 13.37 13.99
N PHE B 120 -9.33 12.95 12.82
CA PHE B 120 -7.95 13.17 12.42
C PHE B 120 -7.82 14.31 11.42
N ALA B 121 -6.99 15.29 11.75
CA ALA B 121 -6.73 16.40 10.86
C ALA B 121 -5.80 15.98 9.74
N ARG B 122 -4.87 15.09 10.05
CA ARG B 122 -3.92 14.58 9.08
C ARG B 122 -3.23 13.34 9.64
N SER B 123 -2.99 12.35 8.78
CA SER B 123 -2.44 11.06 9.22
C SER B 123 -1.19 10.67 8.44
N PHE B 124 -0.21 10.15 9.17
CA PHE B 124 1.06 9.71 8.60
C PHE B 124 1.33 8.26 8.98
N ALA B 125 2.23 7.63 8.24
CA ALA B 125 2.73 6.31 8.60
C ALA B 125 4.20 6.16 8.20
N TYR B 126 4.92 5.35 8.97
CA TYR B 126 6.34 5.10 8.73
C TYR B 126 6.67 3.67 9.16
N VAL B 127 7.36 2.95 8.29
CA VAL B 127 7.83 1.61 8.64
C VAL B 127 9.27 1.45 8.18
N ALA B 128 10.10 0.92 9.06
CA ALA B 128 11.53 0.83 8.80
C ALA B 128 11.84 -0.29 7.81
N ILE B 129 11.03 -1.33 7.85
CA ILE B 129 11.21 -2.50 6.99
C ILE B 129 9.87 -3.08 6.57
N VAL B 130 9.91 -4.10 5.72
CA VAL B 130 8.72 -4.86 5.37
C VAL B 130 8.72 -6.16 6.16
N PRO B 131 7.87 -6.26 7.20
CA PRO B 131 7.95 -7.37 8.16
C PRO B 131 8.04 -8.77 7.56
N ASN B 132 7.25 -9.06 6.53
CA ASN B 132 7.25 -10.41 5.96
C ASN B 132 8.51 -10.72 5.14
N THR B 133 9.44 -9.76 5.09
CA THR B 133 10.72 -9.96 4.42
C THR B 133 11.87 -10.08 5.42
N VAL B 134 11.56 -10.00 6.71
CA VAL B 134 12.60 -9.97 7.75
C VAL B 134 12.40 -11.09 8.77
N TRP B 135 11.26 -11.07 9.48
CA TRP B 135 10.96 -12.10 10.47
C TRP B 135 9.69 -12.86 10.09
N ASP B 136 9.43 -13.94 10.82
CA ASP B 136 8.23 -14.75 10.60
C ASP B 136 7.05 -14.17 11.39
N GLU B 137 6.08 -13.62 10.66
CA GLU B 137 4.94 -12.96 11.29
C GLU B 137 4.07 -13.92 12.09
N SER B 138 4.18 -15.22 11.79
CA SER B 138 3.44 -16.23 12.53
C SER B 138 4.00 -16.37 13.95
N GLU B 139 5.15 -15.73 14.18
CA GLU B 139 5.84 -15.77 15.46
C GLU B 139 5.57 -14.50 16.26
N THR B 140 5.70 -13.36 15.59
CA THR B 140 5.57 -12.06 16.23
C THR B 140 4.14 -11.53 16.18
N GLY B 141 3.41 -11.95 15.15
CA GLY B 141 2.11 -11.36 14.83
C GLY B 141 2.26 -10.52 13.57
N LYS B 142 1.15 -10.24 12.90
CA LYS B 142 1.19 -9.49 11.65
C LYS B 142 1.22 -7.98 11.89
N ASN B 143 1.85 -7.25 10.98
CA ASN B 143 1.91 -5.79 11.03
C ASN B 143 2.68 -5.24 12.23
N VAL B 144 3.62 -6.02 12.75
CA VAL B 144 4.50 -5.53 13.81
C VAL B 144 5.51 -4.56 13.20
N GLY B 145 5.76 -3.46 13.90
CA GLY B 145 6.67 -2.43 13.41
C GLY B 145 5.96 -1.34 12.63
N ALA B 146 4.69 -1.58 12.31
CA ALA B 146 3.88 -0.59 11.61
C ALA B 146 3.61 0.59 12.55
N THR B 147 3.98 1.78 12.12
CA THR B 147 3.86 2.98 12.96
C THR B 147 3.05 4.05 12.27
N PHE B 148 2.07 4.58 12.98
CA PHE B 148 1.20 5.63 12.47
C PHE B 148 1.29 6.87 13.37
N LEU B 149 1.21 8.03 12.75
CA LEU B 149 1.21 9.30 13.47
C LEU B 149 0.03 10.13 12.98
N HIS B 150 -0.85 10.50 13.91
CA HIS B 150 -2.04 11.27 13.58
C HIS B 150 -2.03 12.63 14.25
N ILE B 151 -2.41 13.66 13.51
CA ILE B 151 -2.74 14.94 14.10
C ILE B 151 -4.23 14.95 14.38
N LEU B 152 -4.60 15.16 15.64
CA LEU B 152 -6.00 15.19 16.03
C LEU B 152 -6.59 16.57 15.72
N LYS B 153 -7.89 16.60 15.42
CA LYS B 153 -8.57 17.86 15.20
C LYS B 153 -8.84 18.50 16.55
N PRO B 154 -8.92 19.84 16.59
CA PRO B 154 -9.08 20.56 17.86
C PRO B 154 -10.28 20.09 18.69
N GLU B 155 -11.28 19.53 18.02
CA GLU B 155 -12.51 19.13 18.70
C GLU B 155 -12.38 17.81 19.47
N VAL B 156 -11.27 17.10 19.31
CA VAL B 156 -11.06 15.82 19.99
C VAL B 156 -9.75 15.76 20.77
N THR B 157 -9.05 16.89 20.86
CA THR B 157 -7.79 16.94 21.59
C THR B 157 -8.04 16.79 23.10
N PRO B 158 -7.42 15.79 23.74
CA PRO B 158 -7.62 15.55 25.17
C PRO B 158 -7.44 16.80 26.02
N HIS B 159 -8.38 17.00 26.95
CA HIS B 159 -8.36 18.13 27.87
C HIS B 159 -8.50 19.48 27.17
N GLY B 160 -8.85 19.45 25.88
CA GLY B 160 -9.05 20.67 25.12
C GLY B 160 -7.81 21.53 25.03
N ASN B 161 -6.65 20.91 25.14
CA ASN B 161 -5.38 21.62 25.03
C ASN B 161 -4.76 21.42 23.65
N GLU B 162 -4.41 22.53 23.01
CA GLU B 162 -3.87 22.52 21.65
C GLU B 162 -2.66 21.59 21.50
N MET B 163 -1.79 21.56 22.50
CA MET B 163 -0.54 20.82 22.40
C MET B 163 -0.72 19.31 22.50
N ASN B 164 -1.94 18.87 22.83
CA ASN B 164 -2.24 17.45 22.92
C ASN B 164 -2.89 16.92 21.64
N ASP B 165 -2.36 17.34 20.50
CA ASP B 165 -2.98 17.04 19.21
C ASP B 165 -2.15 16.10 18.34
N VAL B 166 -1.30 15.30 18.98
CA VAL B 166 -0.53 14.28 18.26
C VAL B 166 -0.55 12.96 19.00
N MET B 167 -0.86 11.88 18.28
CA MET B 167 -0.80 10.54 18.83
C MET B 167 -0.01 9.62 17.92
N LEU B 168 0.41 8.49 18.46
CA LEU B 168 1.10 7.47 17.69
C LEU B 168 0.41 6.13 17.91
N TYR B 169 0.49 5.27 16.90
CA TYR B 169 -0.13 3.95 16.94
C TYR B 169 0.86 2.94 16.40
N THR B 170 1.18 1.94 17.20
CA THR B 170 2.12 0.91 16.79
C THR B 170 1.70 -0.46 17.29
N VAL B 171 2.30 -1.49 16.70
CA VAL B 171 2.01 -2.87 17.07
C VAL B 171 3.28 -3.55 17.58
N ALA B 172 3.25 -3.97 18.84
CA ALA B 172 4.39 -4.64 19.46
C ALA B 172 4.33 -6.14 19.19
N PRO B 173 5.49 -6.81 19.16
CA PRO B 173 5.52 -8.23 18.84
C PRO B 173 4.98 -9.12 19.97
N PHE B 174 4.46 -10.29 19.62
CA PHE B 174 4.05 -11.29 20.60
C PHE B 174 5.24 -11.66 21.49
N GLY B 175 4.99 -11.85 22.78
CA GLY B 175 6.03 -12.24 23.70
C GLY B 175 6.50 -13.66 23.48
N ASN B 176 5.60 -14.52 23.01
CA ASN B 176 5.93 -15.93 22.78
C ASN B 176 6.83 -16.14 21.56
N ALA B 177 7.12 -15.06 20.83
CA ALA B 177 8.06 -15.14 19.72
C ALA B 177 9.44 -15.52 20.22
N SER B 178 10.24 -16.14 19.36
CA SER B 178 11.63 -16.47 19.71
C SER B 178 12.38 -15.21 20.07
N ASP B 179 13.38 -15.33 20.93
CA ASP B 179 14.18 -14.19 21.36
C ASP B 179 14.77 -13.46 20.15
N SER B 180 15.29 -14.22 19.19
CA SER B 180 15.91 -13.65 18.01
C SER B 180 14.93 -12.83 17.20
N ALA B 181 13.74 -13.39 16.96
CA ALA B 181 12.71 -12.69 16.20
C ALA B 181 12.12 -11.54 17.02
N TYR B 182 11.88 -11.79 18.30
CA TYR B 182 11.30 -10.80 19.20
C TYR B 182 12.17 -9.55 19.26
N ASN B 183 13.48 -9.75 19.41
CA ASN B 183 14.40 -8.63 19.55
C ASN B 183 14.52 -7.77 18.30
N MET B 184 14.55 -8.40 17.12
CA MET B 184 14.71 -7.63 15.89
C MET B 184 13.39 -6.96 15.51
N ALA B 185 12.28 -7.54 15.96
CA ALA B 185 10.98 -6.92 15.76
C ALA B 185 10.82 -5.73 16.69
N TYR B 186 11.36 -5.84 17.89
CA TYR B 186 11.29 -4.76 18.86
C TYR B 186 12.09 -3.54 18.39
N LYS B 187 13.26 -3.77 17.79
CA LYS B 187 14.07 -2.64 17.34
C LYS B 187 13.43 -1.98 16.12
N ALA B 188 12.75 -2.79 15.30
CA ALA B 188 12.01 -2.27 14.16
C ALA B 188 10.83 -1.43 14.64
N THR B 189 10.20 -1.86 15.73
CA THR B 189 9.07 -1.14 16.31
C THR B 189 9.53 0.24 16.80
N MET B 190 10.69 0.28 17.44
CA MET B 190 11.20 1.52 18.00
C MET B 190 11.75 2.43 16.90
N LEU B 191 12.32 1.85 15.84
CA LEU B 191 12.79 2.63 14.71
C LEU B 191 11.62 3.34 14.03
N GLY B 192 10.48 2.67 14.00
CA GLY B 192 9.29 3.23 13.40
C GLY B 192 8.75 4.41 14.19
N ILE B 193 8.69 4.26 15.51
CA ILE B 193 8.23 5.33 16.40
C ILE B 193 9.09 6.57 16.26
N VAL B 194 10.39 6.42 16.51
CA VAL B 194 11.31 7.55 16.46
C VAL B 194 11.45 8.07 15.03
N GLY B 195 11.41 7.16 14.06
CA GLY B 195 11.51 7.53 12.67
C GLY B 195 10.33 8.36 12.20
N ALA B 196 9.12 7.91 12.57
CA ALA B 196 7.90 8.63 12.21
C ALA B 196 7.92 10.06 12.75
N VAL B 197 8.29 10.20 14.02
CA VAL B 197 8.35 11.50 14.67
C VAL B 197 9.46 12.35 14.06
N SER B 198 10.63 11.74 13.85
CA SER B 198 11.76 12.42 13.24
C SER B 198 11.40 12.95 11.86
N GLU B 199 10.77 12.11 11.05
CA GLU B 199 10.38 12.50 9.70
C GLU B 199 9.25 13.52 9.71
N TYR B 200 8.28 13.35 10.60
CA TYR B 200 7.18 14.29 10.71
C TYR B 200 7.69 15.69 11.04
N ASN B 201 8.64 15.77 11.96
CA ASN B 201 9.20 17.05 12.39
C ASN B 201 9.94 17.77 11.27
N LYS B 202 10.22 17.06 10.19
CA LYS B 202 10.87 17.66 9.02
C LYS B 202 9.84 18.22 8.03
N THR B 203 8.61 17.71 8.09
CA THR B 203 7.56 18.19 7.20
C THR B 203 7.16 19.61 7.56
N PRO B 204 6.49 20.32 6.63
CA PRO B 204 6.02 21.68 6.92
C PRO B 204 5.11 21.75 8.15
N TRP B 205 4.34 20.69 8.38
CA TRP B 205 3.47 20.63 9.56
C TRP B 205 4.29 20.48 10.83
N GLY B 206 5.38 19.72 10.72
CA GLY B 206 6.28 19.51 11.84
C GLY B 206 6.93 20.80 12.30
N GLU B 207 7.09 21.74 11.36
CA GLU B 207 7.65 23.04 11.69
C GLU B 207 6.68 23.84 12.55
N VAL B 208 5.39 23.76 12.18
CA VAL B 208 4.35 24.47 12.91
C VAL B 208 4.02 23.76 14.22
N LYS B 209 3.83 22.45 14.15
CA LYS B 209 3.48 21.64 15.30
C LYS B 209 4.51 20.54 15.55
N PRO B 210 5.72 20.92 15.97
CA PRO B 210 6.79 19.94 16.23
C PRO B 210 6.51 19.08 17.46
N VAL B 211 6.69 17.77 17.32
CA VAL B 211 6.62 16.86 18.45
C VAL B 211 7.88 17.07 19.31
N GLU B 212 7.67 17.33 20.60
CA GLU B 212 8.76 17.71 21.49
C GLU B 212 9.13 16.56 22.44
N ALA B 213 8.21 15.62 22.61
CA ALA B 213 8.47 14.45 23.44
C ALA B 213 7.56 13.28 23.05
N ILE B 214 8.05 12.07 23.31
CA ILE B 214 7.29 10.85 23.03
C ILE B 214 6.96 10.13 24.33
N ARG B 215 5.67 9.98 24.60
CA ARG B 215 5.22 9.23 25.78
C ARG B 215 4.80 7.84 25.33
N LEU B 216 5.47 6.83 25.87
CA LEU B 216 5.20 5.45 25.47
C LEU B 216 5.24 4.50 26.65
N PRO B 217 4.50 3.38 26.57
CA PRO B 217 4.57 2.36 27.61
C PRO B 217 5.74 1.42 27.35
N LEU B 218 6.01 0.50 28.27
CA LEU B 218 6.92 -0.58 27.97
C LEU B 218 6.18 -1.52 27.02
N LEU B 219 6.46 -1.38 25.73
CA LEU B 219 5.76 -2.15 24.71
C LEU B 219 5.94 -3.65 24.91
N GLY B 220 4.86 -4.39 24.75
CA GLY B 220 4.90 -5.84 24.85
C GLY B 220 4.86 -6.37 26.26
N ALA B 221 4.67 -5.48 27.24
CA ALA B 221 4.63 -5.88 28.65
C ALA B 221 3.20 -6.01 29.15
N GLY B 222 2.24 -5.84 28.25
CA GLY B 222 0.83 -5.96 28.59
C GLY B 222 0.23 -7.28 28.13
N HIS B 223 -0.83 -7.19 27.35
CA HIS B 223 -1.54 -8.38 26.88
C HIS B 223 -0.70 -9.19 25.88
N PHE B 224 0.31 -8.54 25.30
CA PHE B 224 1.16 -9.18 24.31
C PHE B 224 2.23 -10.09 24.93
N ARG B 225 2.20 -10.22 26.25
CA ARG B 225 3.29 -10.87 26.97
C ARG B 225 3.36 -12.39 26.80
N GLY B 226 2.26 -13.07 27.08
CA GLY B 226 2.28 -14.52 27.11
C GLY B 226 3.20 -15.04 28.19
N ARG B 227 4.17 -15.86 27.79
CA ARG B 227 5.05 -16.54 28.75
C ARG B 227 6.39 -15.82 28.96
N ARG B 228 6.62 -14.74 28.21
CA ARG B 228 7.93 -14.09 28.23
C ARG B 228 8.21 -13.37 29.54
N GLY B 229 9.48 -13.41 29.96
CA GLY B 229 9.90 -12.75 31.18
C GLY B 229 10.15 -11.27 30.99
N LEU B 230 9.87 -10.49 32.03
CA LEU B 230 10.00 -9.04 31.97
C LEU B 230 11.44 -8.60 31.74
N HIS B 231 12.38 -9.35 32.28
CA HIS B 231 13.80 -9.02 32.16
C HIS B 231 14.18 -8.89 30.70
N SER B 232 13.75 -9.85 29.87
CA SER B 232 14.10 -9.85 28.45
C SER B 232 13.42 -8.69 27.70
N ILE B 233 12.24 -8.29 28.15
CA ILE B 233 11.53 -7.18 27.51
C ILE B 233 12.25 -5.87 27.79
N GLY B 234 12.72 -5.71 29.02
CA GLY B 234 13.50 -4.54 29.39
C GLY B 234 14.76 -4.42 28.56
N ARG B 235 15.37 -5.55 28.25
CA ARG B 235 16.58 -5.56 27.42
C ARG B 235 16.23 -5.22 25.97
N ALA B 236 15.21 -5.88 25.44
CA ALA B 236 14.77 -5.64 24.08
C ALA B 236 14.48 -4.16 23.86
N ASN B 237 13.86 -3.53 24.86
CA ASN B 237 13.50 -2.12 24.77
C ASN B 237 14.73 -1.21 24.80
N ALA B 238 15.66 -1.48 25.72
CA ALA B 238 16.86 -0.65 25.87
C ALA B 238 17.72 -0.72 24.62
N VAL B 239 17.93 -1.93 24.11
CA VAL B 239 18.68 -2.13 22.87
C VAL B 239 17.99 -1.41 21.71
N ALA B 240 16.66 -1.52 21.67
CA ALA B 240 15.87 -0.91 20.60
C ALA B 240 15.95 0.61 20.66
N VAL B 241 15.75 1.17 21.85
CA VAL B 241 15.77 2.63 22.01
C VAL B 241 17.14 3.18 21.65
N GLU B 242 18.18 2.50 22.08
CA GLU B 242 19.55 2.92 21.82
C GLU B 242 19.84 2.97 20.32
N ALA B 243 19.44 1.92 19.61
CA ALA B 243 19.61 1.87 18.16
C ALA B 243 18.84 3.00 17.48
N ALA B 244 17.63 3.25 17.97
CA ALA B 244 16.76 4.27 17.38
C ALA B 244 17.33 5.68 17.56
N ILE B 245 17.85 5.97 18.75
CA ILE B 245 18.40 7.29 19.03
C ILE B 245 19.65 7.54 18.19
N THR B 246 20.53 6.54 18.13
CA THR B 246 21.74 6.63 17.30
C THR B 246 21.37 6.90 15.85
N ARG B 247 20.34 6.19 15.38
CA ARG B 247 19.91 6.25 13.99
C ARG B 247 19.43 7.64 13.57
N PHE B 248 18.42 8.15 14.27
CA PHE B 248 17.75 9.39 13.87
C PHE B 248 18.25 10.62 14.61
N ASP B 249 18.93 10.39 15.74
CA ASP B 249 19.45 11.48 16.58
C ASP B 249 18.40 12.56 16.79
N PRO B 250 17.22 12.16 17.30
CA PRO B 250 16.09 13.08 17.37
C PRO B 250 16.18 14.07 18.54
N ARG B 251 15.47 15.17 18.43
CA ARG B 251 15.50 16.21 19.46
C ARG B 251 14.50 15.93 20.58
N VAL B 252 13.69 14.88 20.40
CA VAL B 252 12.60 14.62 21.34
C VAL B 252 13.07 14.01 22.66
N GLU B 253 12.22 14.17 23.66
CA GLU B 253 12.42 13.60 24.99
C GLU B 253 11.54 12.36 25.14
N LEU B 254 12.10 11.27 25.65
CA LEU B 254 11.34 10.04 25.85
C LEU B 254 10.77 9.95 27.25
N GLN B 255 9.48 9.57 27.33
CA GLN B 255 8.79 9.43 28.60
C GLN B 255 8.15 8.06 28.70
N PHE B 256 8.64 7.24 29.63
CA PHE B 256 8.13 5.89 29.79
C PHE B 256 7.03 5.81 30.83
N MET B 257 5.87 5.35 30.41
CA MET B 257 4.70 5.26 31.27
C MET B 257 4.88 4.18 32.32
N TYR B 258 4.03 4.21 33.34
CA TYR B 258 4.22 3.37 34.51
C TYR B 258 3.72 1.93 34.33
N GLU B 259 4.52 1.00 34.84
CA GLU B 259 4.07 -0.37 35.07
C GLU B 259 4.84 -0.87 36.30
N PRO B 260 4.20 -1.70 37.13
CA PRO B 260 4.70 -1.97 38.49
C PRO B 260 6.15 -2.45 38.60
N SER B 261 6.67 -3.17 37.61
CA SER B 261 8.00 -3.77 37.74
C SER B 261 9.13 -2.79 37.48
N ASP B 262 8.80 -1.62 36.92
CA ASP B 262 9.80 -0.59 36.63
C ASP B 262 10.88 -1.13 35.67
N THR B 263 10.45 -1.96 34.72
CA THR B 263 11.37 -2.70 33.86
C THR B 263 12.05 -1.82 32.82
N ALA B 264 11.35 -0.80 32.34
CA ALA B 264 11.91 0.11 31.33
C ALA B 264 13.15 0.81 31.87
N LEU B 265 13.05 1.30 33.11
CA LEU B 265 14.19 1.92 33.77
C LEU B 265 15.32 0.91 33.98
N ARG B 266 14.96 -0.28 34.42
CA ARG B 266 15.92 -1.34 34.67
C ARG B 266 16.77 -1.65 33.44
N GLY B 267 16.11 -1.97 32.33
CA GLY B 267 16.79 -2.31 31.11
C GLY B 267 17.73 -1.21 30.63
N LEU B 268 17.31 0.04 30.82
CA LEU B 268 18.11 1.19 30.40
C LEU B 268 19.25 1.46 31.37
N MET B 269 19.04 1.14 32.65
CA MET B 269 20.10 1.25 33.64
C MET B 269 21.25 0.32 33.29
N GLU B 270 20.93 -0.94 32.99
CA GLU B 270 21.95 -1.90 32.57
C GLU B 270 22.60 -1.42 31.27
N SER B 271 21.77 -0.89 30.37
CA SER B 271 22.27 -0.34 29.12
C SER B 271 23.32 0.73 29.41
N GLU B 272 23.15 1.44 30.52
CA GLU B 272 24.10 2.43 30.98
C GLU B 272 25.26 1.78 31.72
N PRO C 8 -5.38 13.35 -5.99
CA PRO C 8 -6.55 12.48 -6.07
C PRO C 8 -6.71 11.60 -4.83
N LEU C 9 -7.67 11.96 -3.97
CA LEU C 9 -7.97 11.18 -2.79
C LEU C 9 -8.93 10.05 -3.14
N THR C 10 -8.54 8.82 -2.83
CA THR C 10 -9.36 7.64 -3.14
C THR C 10 -9.90 7.04 -1.85
N LEU C 11 -11.21 6.84 -1.82
CA LEU C 11 -11.89 6.33 -0.63
C LEU C 11 -12.94 5.30 -0.99
N ARG C 12 -12.94 4.18 -0.28
CA ARG C 12 -13.86 3.09 -0.54
C ARG C 12 -15.10 3.22 0.34
N PHE C 13 -16.27 3.25 -0.30
CA PHE C 13 -17.54 3.43 0.38
C PHE C 13 -18.34 2.14 0.44
N THR C 14 -18.72 1.72 1.64
CA THR C 14 -19.50 0.51 1.81
C THR C 14 -20.96 0.74 1.40
N CYS C 15 -21.40 2.00 1.52
CA CYS C 15 -22.77 2.35 1.14
C CYS C 15 -22.91 2.42 -0.38
N LEU C 16 -21.79 2.35 -1.08
CA LEU C 16 -21.79 2.31 -2.54
C LEU C 16 -21.33 0.93 -3.03
N GLY C 17 -21.53 -0.09 -2.20
CA GLY C 17 -21.13 -1.44 -2.54
C GLY C 17 -19.63 -1.60 -2.65
N ASP C 18 -18.90 -0.98 -1.72
CA ASP C 18 -17.45 -1.10 -1.64
C ASP C 18 -16.73 -0.64 -2.90
N ARG C 19 -17.17 0.49 -3.45
CA ARG C 19 -16.52 1.10 -4.60
C ARG C 19 -15.56 2.21 -4.17
N ASN C 20 -14.43 2.29 -4.84
CA ASN C 20 -13.52 3.42 -4.67
C ASN C 20 -14.05 4.65 -5.40
N VAL C 21 -14.08 5.78 -4.69
CA VAL C 21 -14.47 7.06 -5.29
C VAL C 21 -13.30 8.03 -5.17
N ILE C 22 -13.00 8.73 -6.26
CA ILE C 22 -11.94 9.72 -6.26
C ILE C 22 -12.49 11.10 -5.93
N PHE C 23 -11.84 11.79 -5.00
CA PHE C 23 -12.15 13.17 -4.68
C PHE C 23 -10.89 14.01 -4.86
N PHE C 24 -10.80 14.72 -5.97
CA PHE C 24 -9.63 15.54 -6.26
C PHE C 24 -9.44 16.62 -5.22
N GLY C 25 -8.18 16.94 -4.95
CA GLY C 25 -7.84 18.06 -4.08
C GLY C 25 -7.65 19.31 -4.90
N PRO C 26 -7.22 20.40 -4.26
CA PRO C 26 -7.02 21.67 -4.97
C PRO C 26 -5.96 21.59 -6.07
N SER C 27 -6.22 22.26 -7.19
CA SER C 27 -5.24 22.40 -8.25
C SER C 27 -4.62 23.80 -8.19
N GLY C 28 -3.74 24.11 -9.15
CA GLY C 28 -3.10 25.40 -9.20
C GLY C 28 -4.08 26.50 -9.57
N ARG C 29 -5.15 26.14 -10.26
CA ARG C 29 -6.13 27.12 -10.75
C ARG C 29 -6.87 27.77 -9.59
N GLN C 30 -7.49 28.91 -9.85
CA GLN C 30 -8.27 29.62 -8.85
C GLN C 30 -9.39 28.73 -8.34
N ASP C 31 -9.57 28.71 -7.01
CA ASP C 31 -10.53 27.84 -6.34
C ASP C 31 -10.22 26.35 -6.56
N GLY C 32 -9.00 26.05 -6.96
CA GLY C 32 -8.54 24.67 -7.12
C GLY C 32 -9.41 23.86 -8.08
N PHE C 33 -10.03 24.55 -9.03
CA PHE C 33 -10.88 23.92 -10.03
C PHE C 33 -10.13 22.80 -10.76
N THR C 34 -10.71 21.60 -10.74
CA THR C 34 -10.10 20.45 -11.40
C THR C 34 -10.23 20.58 -12.92
N PRO C 35 -9.15 20.27 -13.67
CA PRO C 35 -9.26 20.30 -15.13
C PRO C 35 -10.36 19.38 -15.66
N LEU C 36 -11.05 19.79 -16.73
CA LEU C 36 -12.08 18.96 -17.34
C LEU C 36 -11.48 17.65 -17.83
N TYR C 37 -10.31 17.76 -18.46
CA TYR C 37 -9.60 16.60 -18.99
C TYR C 37 -8.11 16.70 -18.71
N ASP C 38 -7.47 15.56 -18.48
CA ASP C 38 -6.03 15.53 -18.26
C ASP C 38 -5.31 15.46 -19.60
N PRO C 39 -4.07 15.97 -19.68
CA PRO C 39 -3.33 15.95 -20.94
C PRO C 39 -2.75 14.58 -21.28
N SER C 40 -2.49 13.77 -20.26
CA SER C 40 -1.91 12.43 -20.44
C SER C 40 -2.69 11.39 -19.66
N PRO C 41 -3.96 11.16 -20.05
CA PRO C 41 -4.83 10.19 -19.36
C PRO C 41 -4.47 8.74 -19.69
N SER C 42 -4.50 7.87 -18.70
CA SER C 42 -4.29 6.45 -18.92
C SER C 42 -5.56 5.78 -19.41
N LYS C 43 -6.71 6.34 -19.05
CA LYS C 43 -8.01 5.80 -19.45
C LYS C 43 -8.99 6.88 -19.90
N ARG C 44 -10.04 6.44 -20.57
CA ARG C 44 -11.07 7.32 -21.10
C ARG C 44 -12.04 7.82 -20.02
N VAL C 45 -11.95 9.11 -19.71
CA VAL C 45 -12.75 9.71 -18.65
C VAL C 45 -13.73 10.73 -19.24
N ALA C 46 -15.02 10.47 -19.06
CA ALA C 46 -16.06 11.37 -19.54
C ALA C 46 -16.42 12.40 -18.47
N THR C 47 -16.18 13.67 -18.77
CA THR C 47 -16.51 14.75 -17.85
C THR C 47 -17.94 15.21 -18.06
N VAL C 48 -18.67 15.37 -16.97
CA VAL C 48 -20.06 15.82 -17.03
C VAL C 48 -20.15 17.34 -16.97
N ASP C 49 -20.54 17.93 -18.09
CA ASP C 49 -20.79 19.36 -18.18
C ASP C 49 -22.02 19.72 -17.35
N ALA C 50 -21.88 20.70 -16.45
CA ALA C 50 -23.02 21.22 -15.72
C ALA C 50 -23.87 22.05 -16.68
N GLY C 51 -24.75 21.37 -17.41
CA GLY C 51 -25.53 21.99 -18.46
C GLY C 51 -26.60 22.93 -17.92
N THR C 52 -27.17 23.73 -18.82
CA THR C 52 -28.20 24.69 -18.45
C THR C 52 -29.54 24.25 -19.03
N TYR C 53 -30.60 24.95 -18.64
CA TYR C 53 -31.96 24.55 -18.97
C TYR C 53 -32.29 24.75 -20.45
N GLY C 54 -31.58 25.68 -21.09
CA GLY C 54 -31.76 25.93 -22.51
C GLY C 54 -31.04 24.93 -23.39
N LEU C 55 -30.25 24.05 -22.78
CA LEU C 55 -29.60 22.93 -23.45
C LEU C 55 -28.52 23.33 -24.45
N PHE C 56 -27.96 24.54 -24.29
CA PHE C 56 -26.86 24.98 -25.15
C PHE C 56 -25.52 24.89 -24.44
N ILE C 57 -24.46 24.66 -25.20
CA ILE C 57 -23.10 24.67 -24.66
C ILE C 57 -22.49 26.05 -24.89
N GLY C 58 -22.29 26.77 -23.80
CA GLY C 58 -21.79 28.13 -23.85
C GLY C 58 -22.18 28.87 -22.59
N GLY C 59 -22.26 30.19 -22.67
CA GLY C 59 -22.71 30.99 -21.54
C GLY C 59 -21.72 30.99 -20.39
N VAL C 60 -22.26 30.99 -19.17
CA VAL C 60 -21.45 31.12 -17.95
C VAL C 60 -21.12 29.80 -17.29
N GLY C 61 -20.32 29.87 -16.22
CA GLY C 61 -20.04 28.71 -15.40
C GLY C 61 -19.22 27.65 -16.08
N MET C 62 -19.33 26.42 -15.59
CA MET C 62 -18.62 25.28 -16.14
C MET C 62 -18.97 25.07 -17.61
N ASN C 63 -20.22 25.35 -17.94
CA ASN C 63 -20.72 25.21 -19.30
C ASN C 63 -19.92 26.10 -20.25
N GLY C 64 -19.62 27.31 -19.79
CA GLY C 64 -18.82 28.24 -20.56
C GLY C 64 -17.38 27.79 -20.70
N GLU C 65 -16.86 27.10 -19.69
CA GLU C 65 -15.51 26.55 -19.74
C GLU C 65 -15.43 25.42 -20.76
N PHE C 66 -16.48 24.62 -20.82
CA PHE C 66 -16.56 23.53 -21.80
C PHE C 66 -16.52 24.09 -23.21
N ALA C 67 -17.31 25.14 -23.44
CA ALA C 67 -17.34 25.80 -24.73
C ALA C 67 -15.98 26.36 -25.10
N ASP C 68 -15.34 27.05 -24.13
CA ASP C 68 -14.01 27.61 -24.34
C ASP C 68 -13.02 26.52 -24.75
N THR C 69 -13.05 25.40 -24.04
CA THR C 69 -12.14 24.30 -24.29
C THR C 69 -12.32 23.73 -25.70
N ILE C 70 -13.57 23.56 -26.12
CA ILE C 70 -13.88 23.01 -27.43
C ILE C 70 -13.53 24.01 -28.54
N ILE C 71 -13.82 25.28 -28.29
CA ILE C 71 -13.54 26.33 -29.28
C ILE C 71 -12.03 26.49 -29.47
N GLU C 72 -11.27 26.45 -28.38
CA GLU C 72 -9.83 26.60 -28.44
C GLU C 72 -9.18 25.49 -29.27
N GLU C 73 -9.60 24.25 -29.02
CA GLU C 73 -9.04 23.10 -29.71
C GLU C 73 -9.40 23.12 -31.18
N ALA C 74 -10.59 23.64 -31.49
CA ALA C 74 -11.03 23.78 -32.88
C ALA C 74 -10.15 24.77 -33.62
N ARG C 75 -9.81 25.87 -32.95
CA ARG C 75 -8.93 26.89 -33.51
C ARG C 75 -7.55 26.30 -33.80
N ARG C 76 -7.07 25.48 -32.86
CA ARG C 76 -5.77 24.84 -32.98
C ARG C 76 -5.71 23.93 -34.20
N ASN C 77 -6.83 23.27 -34.49
CA ASN C 77 -6.93 22.38 -35.64
C ASN C 77 -7.54 23.08 -36.85
N ARG C 78 -7.59 24.42 -36.78
CA ARG C 78 -8.01 25.24 -37.92
C ARG C 78 -9.42 24.92 -38.40
N ILE C 79 -10.40 25.06 -37.51
CA ILE C 79 -11.81 24.89 -37.86
C ILE C 79 -12.58 26.17 -37.61
N PRO C 80 -13.43 26.59 -38.58
CA PRO C 80 -14.29 27.74 -38.29
C PRO C 80 -15.37 27.40 -37.25
N LEU C 81 -15.13 27.80 -36.01
CA LEU C 81 -16.09 27.55 -34.94
C LEU C 81 -16.08 28.70 -33.94
N THR C 82 -17.20 29.42 -33.87
CA THR C 82 -17.37 30.49 -32.91
C THR C 82 -18.24 30.00 -31.76
N ALA C 83 -18.33 30.81 -30.70
CA ALA C 83 -19.14 30.46 -29.54
C ALA C 83 -20.61 30.39 -29.93
N THR C 84 -21.02 31.29 -30.83
CA THR C 84 -22.40 31.36 -31.28
C THR C 84 -22.78 30.11 -32.08
N GLU C 85 -21.85 29.61 -32.88
CA GLU C 85 -22.08 28.41 -33.67
C GLU C 85 -22.22 27.18 -32.78
N LEU C 86 -21.29 27.02 -31.85
CA LEU C 86 -21.30 25.89 -30.94
C LEU C 86 -22.57 25.89 -30.08
N SER C 87 -22.96 27.08 -29.61
CA SER C 87 -24.14 27.22 -28.78
C SER C 87 -25.41 26.82 -29.54
N ALA C 88 -25.54 27.31 -30.77
CA ALA C 88 -26.70 27.02 -31.60
C ALA C 88 -26.76 25.54 -31.98
N GLU C 89 -25.62 24.99 -32.38
CA GLU C 89 -25.55 23.61 -32.83
C GLU C 89 -25.80 22.62 -31.70
N SER C 90 -25.15 22.84 -30.56
CA SER C 90 -25.34 21.98 -29.40
C SER C 90 -26.80 21.98 -28.98
N GLN C 91 -27.41 23.16 -29.04
CA GLN C 91 -28.79 23.34 -28.63
C GLN C 91 -29.76 22.54 -29.51
N GLU C 92 -29.61 22.68 -30.82
CA GLU C 92 -30.47 21.97 -31.77
C GLU C 92 -30.35 20.46 -31.59
N ILE C 93 -29.13 19.96 -31.52
CA ILE C 93 -28.87 18.53 -31.36
C ILE C 93 -29.52 17.98 -30.08
N GLN C 94 -29.33 18.69 -28.97
CA GLN C 94 -29.77 18.18 -27.67
C GLN C 94 -31.27 18.36 -27.45
N GLU C 95 -31.85 19.41 -28.04
CA GLU C 95 -33.30 19.58 -28.06
C GLU C 95 -33.95 18.39 -28.77
N ARG C 96 -33.43 18.06 -29.95
CA ARG C 96 -33.97 16.95 -30.73
C ARG C 96 -33.76 15.65 -29.96
N LEU C 97 -32.56 15.43 -29.46
CA LEU C 97 -32.24 14.22 -28.72
C LEU C 97 -33.12 14.06 -27.49
N LEU C 98 -33.44 15.18 -26.84
CA LEU C 98 -34.26 15.17 -25.64
C LEU C 98 -35.70 14.77 -25.98
N HIS C 99 -36.21 15.26 -27.10
CA HIS C 99 -37.54 14.86 -27.57
C HIS C 99 -37.61 13.34 -27.73
N ASP C 100 -36.57 12.77 -28.32
CA ASP C 100 -36.51 11.33 -28.54
C ASP C 100 -36.42 10.55 -27.23
N ALA C 101 -35.56 11.02 -26.33
CA ALA C 101 -35.37 10.37 -25.04
C ALA C 101 -36.64 10.37 -24.21
N GLU C 102 -37.37 11.48 -24.24
CA GLU C 102 -38.59 11.63 -23.45
C GLU C 102 -39.69 10.67 -23.90
N ARG C 103 -39.63 10.22 -25.15
CA ARG C 103 -40.61 9.28 -25.66
C ARG C 103 -40.36 7.88 -25.11
N GLN C 104 -39.12 7.64 -24.67
CA GLN C 104 -38.73 6.34 -24.13
C GLN C 104 -37.81 6.50 -22.92
N PRO C 105 -38.40 6.76 -21.74
CA PRO C 105 -37.58 6.88 -20.54
C PRO C 105 -36.84 5.58 -20.24
N GLY C 106 -35.55 5.68 -19.91
CA GLY C 106 -34.77 4.50 -19.57
C GLY C 106 -34.16 3.82 -20.77
N THR C 107 -34.31 4.44 -21.94
CA THR C 107 -33.73 3.90 -23.17
C THR C 107 -32.80 4.94 -23.80
N LEU C 108 -31.60 4.50 -24.15
CA LEU C 108 -30.61 5.39 -24.76
C LEU C 108 -30.99 5.66 -26.22
N VAL C 109 -31.07 6.94 -26.57
CA VAL C 109 -31.33 7.34 -27.96
C VAL C 109 -30.05 7.88 -28.58
N GLU C 110 -29.97 7.83 -29.90
CA GLU C 110 -28.75 8.16 -30.63
C GLU C 110 -29.04 8.91 -31.92
N ILE C 111 -28.10 9.73 -32.35
CA ILE C 111 -28.16 10.38 -33.66
C ILE C 111 -26.76 10.55 -34.24
N ASP C 112 -26.63 10.30 -35.54
CA ASP C 112 -25.33 10.31 -36.20
C ASP C 112 -24.89 11.75 -36.48
N SER C 113 -24.55 12.47 -35.42
CA SER C 113 -24.19 13.88 -35.54
C SER C 113 -22.92 14.11 -36.36
N GLY C 114 -22.10 13.07 -36.49
CA GLY C 114 -20.85 13.16 -37.24
C GLY C 114 -21.05 13.55 -38.69
N ARG C 115 -22.22 13.26 -39.24
CA ARG C 115 -22.49 13.52 -40.65
C ARG C 115 -22.79 15.00 -40.92
N PHE C 116 -23.12 15.76 -39.88
CA PHE C 116 -23.46 17.18 -40.05
C PHE C 116 -22.83 18.06 -38.98
N SER C 117 -21.74 17.59 -38.37
CA SER C 117 -21.05 18.35 -37.35
C SER C 117 -19.54 18.20 -37.45
N ARG C 118 -18.82 19.30 -37.19
CA ARG C 118 -17.37 19.25 -37.08
C ARG C 118 -16.94 19.07 -35.62
N VAL C 119 -17.91 19.14 -34.71
CA VAL C 119 -17.64 19.03 -33.28
C VAL C 119 -17.93 17.62 -32.78
N PHE C 120 -19.15 17.16 -32.99
CA PHE C 120 -19.60 15.86 -32.49
C PHE C 120 -19.56 14.79 -33.58
N ALA C 121 -18.97 13.64 -33.25
CA ALA C 121 -18.95 12.49 -34.16
C ALA C 121 -20.18 11.63 -33.95
N ARG C 122 -20.77 11.73 -32.76
CA ARG C 122 -21.89 10.89 -32.37
C ARG C 122 -22.50 11.44 -31.07
N SER C 123 -23.83 11.49 -31.02
CA SER C 123 -24.52 12.06 -29.87
C SER C 123 -25.59 11.12 -29.32
N PHE C 124 -25.67 11.04 -28.00
CA PHE C 124 -26.68 10.21 -27.33
C PHE C 124 -27.46 11.04 -26.31
N ALA C 125 -28.60 10.52 -25.89
CA ALA C 125 -29.36 11.12 -24.80
C ALA C 125 -30.09 10.05 -24.00
N TYR C 126 -30.43 10.38 -22.77
CA TYR C 126 -31.04 9.42 -21.85
C TYR C 126 -31.74 10.15 -20.70
N VAL C 127 -32.97 9.76 -20.42
CA VAL C 127 -33.67 10.22 -19.22
C VAL C 127 -34.19 9.05 -18.44
N ALA C 128 -33.99 9.08 -17.12
CA ALA C 128 -34.51 8.05 -16.24
C ALA C 128 -35.99 8.29 -16.02
N ILE C 129 -36.36 9.56 -15.96
CA ILE C 129 -37.74 9.99 -15.79
C ILE C 129 -37.99 11.17 -16.72
N VAL C 130 -39.19 11.25 -17.30
CA VAL C 130 -39.54 12.41 -18.10
C VAL C 130 -39.59 13.64 -17.19
N PRO C 131 -38.91 14.73 -17.57
CA PRO C 131 -38.97 15.95 -16.74
C PRO C 131 -40.39 16.48 -16.59
N ASN C 132 -40.64 17.22 -15.52
CA ASN C 132 -41.93 17.88 -15.32
C ASN C 132 -43.10 16.90 -15.19
N THR C 133 -42.84 15.73 -14.61
CA THR C 133 -43.90 14.74 -14.39
C THR C 133 -44.01 14.41 -12.90
N VAL C 134 -42.85 14.24 -12.27
CA VAL C 134 -42.76 13.92 -10.85
C VAL C 134 -42.35 15.17 -10.08
N TRP C 135 -42.04 16.24 -10.81
CA TRP C 135 -41.84 17.56 -10.22
C TRP C 135 -42.42 18.63 -11.14
N ASP C 136 -42.43 19.88 -10.67
CA ASP C 136 -42.92 21.01 -11.44
C ASP C 136 -41.74 21.81 -11.99
N GLU C 137 -41.66 21.92 -13.32
CA GLU C 137 -40.51 22.57 -13.96
C GLU C 137 -40.42 24.05 -13.61
N SER C 138 -41.56 24.66 -13.27
CA SER C 138 -41.58 26.08 -12.89
C SER C 138 -40.78 26.28 -11.60
N GLU C 139 -40.59 25.20 -10.85
CA GLU C 139 -39.91 25.23 -9.57
C GLU C 139 -38.46 24.75 -9.68
N THR C 140 -38.20 23.81 -10.58
CA THR C 140 -36.88 23.21 -10.73
C THR C 140 -36.11 23.75 -11.94
N GLY C 141 -36.83 24.32 -12.89
CA GLY C 141 -36.28 24.64 -14.20
C GLY C 141 -36.65 23.52 -15.15
N LYS C 142 -36.69 23.81 -16.45
CA LYS C 142 -37.13 22.83 -17.42
C LYS C 142 -35.97 21.94 -17.89
N ASN C 143 -36.32 20.76 -18.41
CA ASN C 143 -35.35 19.81 -18.94
C ASN C 143 -34.40 19.27 -17.89
N VAL C 144 -34.75 19.42 -16.61
CA VAL C 144 -33.92 18.90 -15.54
C VAL C 144 -33.88 17.37 -15.59
N GLY C 145 -32.69 16.80 -15.43
CA GLY C 145 -32.50 15.37 -15.50
C GLY C 145 -32.13 14.90 -16.89
N ALA C 146 -32.32 15.76 -17.88
CA ALA C 146 -31.95 15.45 -19.25
C ALA C 146 -30.44 15.23 -19.33
N THR C 147 -30.03 14.06 -19.79
CA THR C 147 -28.61 13.73 -19.89
C THR C 147 -28.22 13.40 -21.33
N PHE C 148 -27.11 13.96 -21.76
CA PHE C 148 -26.60 13.72 -23.11
C PHE C 148 -25.16 13.22 -23.04
N LEU C 149 -24.82 12.29 -23.92
CA LEU C 149 -23.46 11.77 -24.03
C LEU C 149 -23.00 11.96 -25.47
N HIS C 150 -21.88 12.68 -25.63
CA HIS C 150 -21.34 12.97 -26.95
C HIS C 150 -19.96 12.37 -27.14
N ILE C 151 -19.73 11.84 -28.33
CA ILE C 151 -18.39 11.48 -28.77
C ILE C 151 -17.86 12.63 -29.60
N LEU C 152 -16.73 13.20 -29.17
CA LEU C 152 -16.17 14.37 -29.83
C LEU C 152 -15.28 13.94 -31.00
N LYS C 153 -15.17 14.79 -32.01
CA LYS C 153 -14.28 14.52 -33.13
C LYS C 153 -12.84 14.83 -32.73
N PRO C 154 -11.86 14.21 -33.41
CA PRO C 154 -10.45 14.41 -33.07
C PRO C 154 -10.00 15.87 -33.05
N GLU C 155 -10.62 16.70 -33.89
CA GLU C 155 -10.14 18.08 -34.05
C GLU C 155 -10.66 19.04 -32.97
N VAL C 156 -11.49 18.53 -32.06
CA VAL C 156 -11.95 19.32 -30.92
C VAL C 156 -11.70 18.57 -29.62
N THR C 157 -10.97 17.47 -29.70
CA THR C 157 -10.69 16.64 -28.54
C THR C 157 -9.68 17.32 -27.62
N PRO C 158 -10.07 17.60 -26.36
CA PRO C 158 -9.18 18.29 -25.41
C PRO C 158 -7.76 17.72 -25.36
N HIS C 159 -6.79 18.58 -25.62
CA HIS C 159 -5.37 18.22 -25.57
C HIS C 159 -5.01 17.14 -26.61
N GLY C 160 -5.85 17.02 -27.64
CA GLY C 160 -5.59 16.14 -28.76
C GLY C 160 -5.33 14.69 -28.41
N ASN C 161 -5.83 14.26 -27.25
CA ASN C 161 -5.65 12.88 -26.80
C ASN C 161 -6.93 12.07 -27.03
N GLU C 162 -6.80 10.95 -27.73
CA GLU C 162 -7.94 10.10 -28.10
C GLU C 162 -8.89 9.83 -26.92
N MET C 163 -8.32 9.64 -25.73
CA MET C 163 -9.10 9.21 -24.58
C MET C 163 -9.92 10.34 -23.96
N ASN C 164 -9.80 11.55 -24.50
CA ASN C 164 -10.58 12.68 -24.04
C ASN C 164 -11.74 13.01 -24.97
N ASP C 165 -12.22 12.01 -25.70
CA ASP C 165 -13.20 12.25 -26.76
C ASP C 165 -14.64 11.95 -26.33
N VAL C 166 -14.89 11.92 -25.03
CA VAL C 166 -16.25 11.74 -24.52
C VAL C 166 -16.59 12.81 -23.50
N MET C 167 -17.73 13.46 -23.68
CA MET C 167 -18.25 14.42 -22.72
C MET C 167 -19.70 14.08 -22.40
N LEU C 168 -20.13 14.47 -21.20
CA LEU C 168 -21.52 14.37 -20.81
C LEU C 168 -22.08 15.77 -20.57
N TYR C 169 -23.40 15.87 -20.67
CA TYR C 169 -24.12 17.14 -20.48
C TYR C 169 -25.40 16.83 -19.73
N THR C 170 -25.58 17.48 -18.59
CA THR C 170 -26.76 17.23 -17.76
C THR C 170 -27.29 18.51 -17.13
N VAL C 171 -28.59 18.50 -16.82
CA VAL C 171 -29.27 19.68 -16.29
C VAL C 171 -29.73 19.45 -14.86
N ALA C 172 -29.10 20.14 -13.93
CA ALA C 172 -29.39 19.98 -12.50
C ALA C 172 -30.55 20.89 -12.08
N PRO C 173 -31.31 20.47 -11.05
CA PRO C 173 -32.41 21.29 -10.54
C PRO C 173 -31.94 22.61 -9.93
N PHE C 174 -32.72 23.66 -10.13
CA PHE C 174 -32.43 24.95 -9.52
C PHE C 174 -32.59 24.84 -8.00
N GLY C 175 -31.68 25.46 -7.27
CA GLY C 175 -31.60 25.28 -5.83
C GLY C 175 -32.77 25.81 -5.03
N ASN C 176 -33.45 26.83 -5.55
CA ASN C 176 -34.56 27.44 -4.83
C ASN C 176 -35.82 26.57 -4.83
N ALA C 177 -35.74 25.41 -5.48
CA ALA C 177 -36.84 24.45 -5.44
C ALA C 177 -37.02 23.92 -4.03
N SER C 178 -38.21 23.43 -3.73
CA SER C 178 -38.47 22.83 -2.42
C SER C 178 -37.67 21.54 -2.30
N ASP C 179 -37.33 21.17 -1.07
CA ASP C 179 -36.44 20.04 -0.81
C ASP C 179 -36.93 18.73 -1.43
N SER C 180 -38.23 18.46 -1.32
CA SER C 180 -38.81 17.24 -1.88
C SER C 180 -38.61 17.18 -3.40
N ALA C 181 -38.93 18.29 -4.07
CA ALA C 181 -38.77 18.38 -5.51
C ALA C 181 -37.30 18.34 -5.89
N TYR C 182 -36.47 19.04 -5.10
CA TYR C 182 -35.04 19.13 -5.38
C TYR C 182 -34.35 17.77 -5.29
N ASN C 183 -34.56 17.07 -4.17
CA ASN C 183 -33.96 15.76 -3.97
C ASN C 183 -34.42 14.77 -5.02
N MET C 184 -35.69 14.87 -5.39
CA MET C 184 -36.28 14.00 -6.41
C MET C 184 -35.63 14.25 -7.77
N ALA C 185 -35.50 15.52 -8.14
CA ALA C 185 -34.91 15.90 -9.41
C ALA C 185 -33.42 15.56 -9.45
N TYR C 186 -32.76 15.66 -8.30
CA TYR C 186 -31.33 15.40 -8.22
C TYR C 186 -31.03 13.92 -8.46
N LYS C 187 -31.86 13.03 -7.93
CA LYS C 187 -31.62 11.60 -8.08
C LYS C 187 -31.99 11.15 -9.50
N ALA C 188 -32.95 11.82 -10.12
CA ALA C 188 -33.28 11.55 -11.51
C ALA C 188 -32.11 11.97 -12.40
N THR C 189 -31.47 13.08 -12.03
CA THR C 189 -30.32 13.59 -12.77
C THR C 189 -29.14 12.62 -12.69
N MET C 190 -28.89 12.09 -11.50
CA MET C 190 -27.77 11.18 -11.29
C MET C 190 -28.05 9.81 -11.93
N LEU C 191 -29.33 9.42 -11.93
CA LEU C 191 -29.72 8.18 -12.61
C LEU C 191 -29.50 8.31 -14.11
N GLY C 192 -29.71 9.51 -14.64
CA GLY C 192 -29.52 9.77 -16.06
C GLY C 192 -28.06 9.67 -16.48
N ILE C 193 -27.17 10.20 -15.64
CA ILE C 193 -25.74 10.15 -15.90
C ILE C 193 -25.23 8.71 -15.93
N VAL C 194 -25.50 7.96 -14.87
CA VAL C 194 -25.03 6.59 -14.74
C VAL C 194 -25.75 5.68 -15.74
N GLY C 195 -27.04 5.92 -15.92
CA GLY C 195 -27.83 5.14 -16.86
C GLY C 195 -27.36 5.34 -18.30
N ALA C 196 -27.02 6.57 -18.64
CA ALA C 196 -26.53 6.90 -19.98
C ALA C 196 -25.21 6.20 -20.25
N VAL C 197 -24.28 6.32 -19.32
CA VAL C 197 -22.97 5.69 -19.46
C VAL C 197 -23.10 4.18 -19.48
N SER C 198 -23.99 3.65 -18.65
CA SER C 198 -24.24 2.21 -18.60
C SER C 198 -24.77 1.69 -19.93
N GLU C 199 -25.79 2.36 -20.47
CA GLU C 199 -26.38 1.98 -21.74
C GLU C 199 -25.40 2.17 -22.89
N TYR C 200 -24.63 3.26 -22.85
CA TYR C 200 -23.68 3.54 -23.91
C TYR C 200 -22.60 2.46 -23.99
N ASN C 201 -22.18 1.96 -22.84
CA ASN C 201 -21.13 0.94 -22.80
C ASN C 201 -21.60 -0.40 -23.37
N LYS C 202 -22.90 -0.58 -23.49
CA LYS C 202 -23.47 -1.79 -24.07
C LYS C 202 -23.55 -1.73 -25.60
N THR C 203 -23.43 -0.53 -26.15
CA THR C 203 -23.52 -0.33 -27.60
C THR C 203 -22.21 -0.73 -28.28
N PRO C 204 -22.25 -0.93 -29.62
CA PRO C 204 -21.03 -1.26 -30.36
C PRO C 204 -19.98 -0.15 -30.25
N TRP C 205 -20.43 1.09 -30.26
CA TRP C 205 -19.52 2.22 -30.06
C TRP C 205 -18.91 2.15 -28.66
N GLY C 206 -19.64 1.52 -27.74
CA GLY C 206 -19.20 1.40 -26.37
C GLY C 206 -18.15 0.33 -26.18
N GLU C 207 -18.10 -0.62 -27.10
CA GLU C 207 -17.08 -1.67 -27.05
C GLU C 207 -15.73 -1.13 -27.48
N VAL C 208 -15.73 -0.24 -28.47
CA VAL C 208 -14.51 0.34 -28.99
C VAL C 208 -14.06 1.52 -28.14
N LYS C 209 -15.01 2.33 -27.71
CA LYS C 209 -14.74 3.50 -26.87
C LYS C 209 -15.57 3.47 -25.58
N PRO C 210 -15.29 2.51 -24.70
CA PRO C 210 -15.99 2.44 -23.40
C PRO C 210 -15.59 3.57 -22.46
N VAL C 211 -16.56 4.16 -21.77
CA VAL C 211 -16.26 5.12 -20.73
C VAL C 211 -15.72 4.38 -19.51
N GLU C 212 -14.55 4.79 -19.04
CA GLU C 212 -13.87 4.09 -17.95
C GLU C 212 -14.21 4.74 -16.60
N ALA C 213 -14.35 6.06 -16.62
CA ALA C 213 -14.67 6.83 -15.42
C ALA C 213 -15.51 8.05 -15.77
N ILE C 214 -16.23 8.57 -14.77
CA ILE C 214 -17.02 9.79 -14.93
C ILE C 214 -16.49 10.87 -14.00
N ARG C 215 -16.11 12.01 -14.58
CA ARG C 215 -15.66 13.14 -13.78
C ARG C 215 -16.81 14.11 -13.54
N LEU C 216 -17.20 14.24 -12.28
CA LEU C 216 -18.38 15.03 -11.90
C LEU C 216 -18.02 16.29 -11.12
N PRO C 217 -18.66 17.42 -11.45
CA PRO C 217 -18.59 18.57 -10.54
C PRO C 217 -19.63 18.40 -9.45
N LEU C 218 -19.79 19.39 -8.57
CA LEU C 218 -20.92 19.40 -7.67
C LEU C 218 -22.10 20.03 -8.41
N LEU C 219 -22.98 19.19 -8.95
CA LEU C 219 -24.12 19.67 -9.72
C LEU C 219 -25.07 20.45 -8.84
N GLY C 220 -25.61 21.54 -9.39
CA GLY C 220 -26.51 22.40 -8.66
C GLY C 220 -25.79 23.57 -7.99
N ALA C 221 -24.46 23.51 -7.97
CA ALA C 221 -23.65 24.59 -7.42
C ALA C 221 -23.54 25.72 -8.43
N GLY C 222 -22.87 26.81 -8.05
CA GLY C 222 -22.67 27.93 -8.94
C GLY C 222 -23.95 28.70 -9.24
N HIS C 223 -24.18 29.01 -10.51
CA HIS C 223 -25.33 29.82 -10.89
C HIS C 223 -26.67 29.07 -10.70
N PHE C 224 -26.59 27.77 -10.45
CA PHE C 224 -27.79 26.94 -10.27
C PHE C 224 -28.18 26.82 -8.79
N ARG C 225 -27.48 27.54 -7.92
CA ARG C 225 -27.67 27.39 -6.47
C ARG C 225 -28.87 28.12 -5.92
N GLY C 226 -29.18 29.29 -6.48
CA GLY C 226 -30.15 30.17 -5.86
C GLY C 226 -29.68 30.52 -4.46
N ARG C 227 -30.56 30.35 -3.48
CA ARG C 227 -30.23 30.62 -2.08
C ARG C 227 -29.94 29.35 -1.29
N ARG C 228 -29.92 28.20 -1.96
CA ARG C 228 -29.77 26.93 -1.29
C ARG C 228 -28.39 26.79 -0.66
N GLY C 229 -28.33 26.13 0.49
CA GLY C 229 -27.08 25.89 1.18
C GLY C 229 -26.33 24.72 0.58
N LEU C 230 -25.00 24.78 0.61
CA LEU C 230 -24.19 23.73 0.01
C LEU C 230 -24.34 22.39 0.73
N HIS C 231 -24.66 22.43 2.02
CA HIS C 231 -24.80 21.18 2.77
C HIS C 231 -25.94 20.32 2.23
N SER C 232 -27.09 20.93 1.97
CA SER C 232 -28.24 20.19 1.44
C SER C 232 -27.93 19.64 0.06
N ILE C 233 -27.11 20.36 -0.70
CA ILE C 233 -26.74 19.93 -2.04
C ILE C 233 -25.83 18.71 -1.98
N GLY C 234 -24.91 18.71 -1.01
CA GLY C 234 -24.05 17.56 -0.77
C GLY C 234 -24.87 16.33 -0.42
N ARG C 235 -25.88 16.52 0.41
CA ARG C 235 -26.77 15.43 0.81
C ARG C 235 -27.61 14.93 -0.36
N ALA C 236 -28.11 15.85 -1.18
CA ALA C 236 -28.89 15.47 -2.36
C ALA C 236 -28.03 14.66 -3.32
N ASN C 237 -26.79 15.08 -3.51
CA ASN C 237 -25.85 14.38 -4.37
C ASN C 237 -25.52 12.99 -3.82
N ALA C 238 -25.23 12.93 -2.53
CA ALA C 238 -24.84 11.67 -1.89
C ALA C 238 -25.95 10.62 -2.00
N VAL C 239 -27.18 11.03 -1.72
CA VAL C 239 -28.31 10.11 -1.80
C VAL C 239 -28.61 9.74 -3.26
N ALA C 240 -28.37 10.69 -4.15
CA ALA C 240 -28.56 10.46 -5.59
C ALA C 240 -27.56 9.43 -6.12
N VAL C 241 -26.29 9.59 -5.75
CA VAL C 241 -25.26 8.65 -6.13
C VAL C 241 -25.56 7.27 -5.55
N GLU C 242 -26.01 7.23 -4.31
CA GLU C 242 -26.39 5.98 -3.66
C GLU C 242 -27.44 5.24 -4.46
N ALA C 243 -28.48 5.97 -4.89
CA ALA C 243 -29.58 5.38 -5.64
C ALA C 243 -29.12 4.87 -7.01
N ALA C 244 -28.19 5.60 -7.62
CA ALA C 244 -27.70 5.26 -8.96
C ALA C 244 -26.89 3.96 -8.96
N ILE C 245 -25.97 3.83 -8.00
CA ILE C 245 -25.14 2.64 -7.91
C ILE C 245 -25.99 1.39 -7.65
N THR C 246 -26.94 1.51 -6.74
CA THR C 246 -27.83 0.40 -6.40
C THR C 246 -28.64 -0.04 -7.62
N ARG C 247 -29.04 0.93 -8.43
CA ARG C 247 -29.87 0.66 -9.61
C ARG C 247 -29.09 -0.05 -10.72
N PHE C 248 -27.93 0.50 -11.07
CA PHE C 248 -27.20 0.05 -12.25
C PHE C 248 -26.00 -0.84 -11.92
N ASP C 249 -25.45 -0.70 -10.72
CA ASP C 249 -24.30 -1.50 -10.30
C ASP C 249 -23.18 -1.43 -11.33
N PRO C 250 -22.74 -0.21 -11.67
CA PRO C 250 -21.79 -0.02 -12.77
C PRO C 250 -20.34 -0.35 -12.40
N ARG C 251 -19.52 -0.60 -13.43
CA ARG C 251 -18.09 -0.84 -13.23
C ARG C 251 -17.31 0.46 -13.34
N VAL C 252 -17.95 1.47 -13.93
CA VAL C 252 -17.31 2.76 -14.15
C VAL C 252 -16.96 3.44 -12.83
N GLU C 253 -15.85 4.17 -12.85
CA GLU C 253 -15.30 4.84 -11.68
C GLU C 253 -15.84 6.27 -11.57
N LEU C 254 -16.18 6.68 -10.35
CA LEU C 254 -16.65 8.04 -10.09
C LEU C 254 -15.51 8.94 -9.60
N GLN C 255 -15.32 10.06 -10.27
CA GLN C 255 -14.37 11.08 -9.84
C GLN C 255 -15.11 12.38 -9.58
N PHE C 256 -14.96 12.92 -8.39
CA PHE C 256 -15.57 14.21 -8.05
C PHE C 256 -14.55 15.33 -8.11
N MET C 257 -14.84 16.32 -8.95
CA MET C 257 -13.97 17.48 -9.10
C MET C 257 -13.95 18.27 -7.81
N TYR C 258 -12.97 19.16 -7.66
CA TYR C 258 -12.77 19.87 -6.41
C TYR C 258 -13.45 21.23 -6.35
N GLU C 259 -13.95 21.56 -5.17
CA GLU C 259 -14.34 22.92 -4.84
C GLU C 259 -14.08 23.12 -3.35
N PRO C 260 -13.77 24.37 -2.94
CA PRO C 260 -13.26 24.65 -1.59
C PRO C 260 -14.05 24.04 -0.42
N SER C 261 -15.38 24.00 -0.50
CA SER C 261 -16.18 23.52 0.61
C SER C 261 -16.12 22.00 0.76
N ASP C 262 -15.65 21.31 -0.28
CA ASP C 262 -15.49 19.86 -0.25
C ASP C 262 -16.83 19.17 0.02
N THR C 263 -17.91 19.78 -0.48
CA THR C 263 -19.27 19.37 -0.16
C THR C 263 -19.61 17.95 -0.65
N ALA C 264 -19.11 17.58 -1.82
CA ALA C 264 -19.38 16.26 -2.39
C ALA C 264 -18.85 15.15 -1.49
N LEU C 265 -17.62 15.34 -1.00
CA LEU C 265 -16.98 14.38 -0.12
C LEU C 265 -17.73 14.24 1.21
N ARG C 266 -18.05 15.37 1.84
CA ARG C 266 -18.71 15.36 3.14
C ARG C 266 -20.11 14.75 3.08
N GLY C 267 -20.83 15.05 2.01
CA GLY C 267 -22.16 14.50 1.81
C GLY C 267 -22.13 12.99 1.79
N LEU C 268 -21.20 12.44 1.02
CA LEU C 268 -21.05 10.99 0.92
C LEU C 268 -20.53 10.39 2.21
N MET C 269 -19.69 11.12 2.94
CA MET C 269 -19.19 10.66 4.23
C MET C 269 -20.34 10.53 5.23
N GLU C 270 -21.29 11.45 5.17
CA GLU C 270 -22.47 11.36 6.01
C GLU C 270 -23.29 10.13 5.63
N SER C 271 -23.45 9.90 4.34
CA SER C 271 -24.17 8.72 3.86
C SER C 271 -23.46 7.45 4.31
N GLU C 272 -22.14 7.49 4.33
CA GLU C 272 -21.34 6.35 4.79
C GLU C 272 -21.60 6.11 6.28
N ARG C 273 -21.60 7.19 7.05
CA ARG C 273 -21.85 7.12 8.50
C ARG C 273 -23.25 6.58 8.80
N LYS C 274 -24.23 6.96 7.99
CA LYS C 274 -25.61 6.54 8.22
C LYS C 274 -25.85 5.12 7.73
N TYR C 275 -25.12 4.73 6.69
CA TYR C 275 -25.22 3.37 6.17
C TYR C 275 -24.59 2.39 7.17
N LYS C 276 -23.35 2.68 7.57
CA LYS C 276 -22.64 1.87 8.54
C LYS C 276 -23.32 1.91 9.91
N PHE C 277 -23.54 3.13 10.41
CA PHE C 277 -23.99 3.34 11.77
C PHE C 277 -25.34 4.04 11.80
#